data_2EHQ
#
_entry.id   2EHQ
#
_cell.length_a   102.426
_cell.length_b   102.426
_cell.length_c   278.837
_cell.angle_alpha   90.00
_cell.angle_beta   90.00
_cell.angle_gamma   120.00
#
_symmetry.space_group_name_H-M   'H 3'
#
loop_
_entity.id
_entity.type
_entity.pdbx_description
1 polymer '1-pyrroline-5-carboxylate dehydrogenase'
2 non-polymer 'ACETATE ION'
3 non-polymer 'SODIUM ION'
4 non-polymer 'NADP NICOTINAMIDE-ADENINE-DINUCLEOTIDE PHOSPHATE'
5 non-polymer (4S)-2-METHYL-2,4-PENTANEDIOL
6 water water
#
_entity_poly.entity_id   1
_entity_poly.type   'polypeptide(L)'
_entity_poly.pdbx_seq_one_letter_code
;MTVEPFRNEPIETFQTEEARRAMREALRRVREEFGRHYPLYIGGEWVDTKERMVSLNPSAPSEVVGTTAKAGKAEAEAAL
EAAWKAFKTWKDWPQEDRSRLLLKAAALMRRRKRELEATLVYEVGKNWVEASADVAEAIDFIEYYARAALRYRYPAVEVV
PYPGEDNESFYVPLGAGVVIAPWNFPVAIFTGMIVGPVAVGNTVIAKPAEDAVVVGAKVFEIFHEAGFPPGVVNFLPGVG
EEVGAYLVEHPRIRFINFTGSLEVGLKIYEAAGRLAPGQTWFKRAYVETGGKDAIIVDETADFDLAAEGVVVSAYGFQGQ
KCSAASRLILTQGAYEPVLERVLKRAERLSVGPAEENPDLGPVVSAEQERKVLSYIEIGKNEGQLVLGGKRLEGEGYFIA
PTVFTEVPPKARIAQEEIFGPVLSVIRVKDFAEALEVANDTPYGLTGGVYSRKREHLEWARREFHVGNLYFNRKITGALV
GVQPFGGFKLSGTNAKTGALDYLRLFLEMKAVAERF
;
_entity_poly.pdbx_strand_id   A,B
#
loop_
_chem_comp.id
_chem_comp.type
_chem_comp.name
_chem_comp.formula
ACT non-polymer 'ACETATE ION' 'C2 H3 O2 -1'
MPD non-polymer (4S)-2-METHYL-2,4-PENTANEDIOL 'C6 H14 O2'
NA non-polymer 'SODIUM ION' 'Na 1'
NAP non-polymer 'NADP NICOTINAMIDE-ADENINE-DINUCLEOTIDE PHOSPHATE' 'C21 H28 N7 O17 P3'
#
# COMPACT_ATOMS: atom_id res chain seq x y z
N MET A 1 28.87 0.99 -3.18
N MET A 1 28.66 0.33 -3.38
CA MET A 1 28.97 0.91 -1.69
CA MET A 1 29.36 0.71 -2.12
C MET A 1 29.25 -0.52 -1.19
C MET A 1 29.34 -0.45 -1.13
N THR A 2 30.33 -0.69 -0.42
N THR A 2 30.50 -0.76 -0.54
CA THR A 2 30.59 -1.94 0.27
CA THR A 2 30.61 -1.97 0.28
C THR A 2 30.96 -1.67 1.73
N VAL A 3 30.05 -2.09 2.62
CA VAL A 3 30.22 -1.93 4.05
C VAL A 3 30.11 -3.31 4.69
N GLU A 4 30.45 -3.41 5.97
CA GLU A 4 30.27 -4.66 6.70
C GLU A 4 28.80 -5.08 6.69
N PRO A 5 28.53 -6.39 6.75
CA PRO A 5 27.14 -6.82 6.90
C PRO A 5 26.49 -6.18 8.11
N PHE A 6 25.19 -5.91 8.00
CA PHE A 6 24.43 -5.32 9.09
C PHE A 6 24.54 -6.16 10.34
N ARG A 7 24.75 -5.49 11.48
CA ARG A 7 24.64 -6.10 12.81
C ARG A 7 23.91 -5.11 13.68
N ASN A 8 23.13 -5.62 14.64
CA ASN A 8 22.42 -4.74 15.58
C ASN A 8 23.38 -4.06 16.55
N GLU A 9 23.11 -2.80 16.86
CA GLU A 9 23.88 -2.03 17.83
C GLU A 9 23.65 -2.65 19.21
N PRO A 10 24.74 -3.03 19.93
CA PRO A 10 24.55 -3.59 21.27
C PRO A 10 23.81 -2.64 22.21
N ILE A 11 22.91 -3.20 23.01
CA ILE A 11 22.17 -2.47 24.01
C ILE A 11 22.97 -2.50 25.30
N GLU A 12 23.26 -1.32 25.84
CA GLU A 12 24.10 -1.20 27.01
C GLU A 12 23.32 -1.59 28.26
N THR A 13 23.93 -2.42 29.10
CA THR A 13 23.31 -2.87 30.34
C THR A 13 23.86 -2.14 31.58
N PHE A 14 24.98 -1.44 31.40
CA PHE A 14 25.58 -0.61 32.47
C PHE A 14 26.07 -1.42 33.67
N GLN A 15 26.62 -2.59 33.38
CA GLN A 15 27.20 -3.47 34.42
C GLN A 15 28.68 -3.21 34.66
N THR A 16 29.38 -2.66 33.68
CA THR A 16 30.78 -2.30 33.84
C THR A 16 30.90 -0.90 34.43
N GLU A 17 31.99 -0.66 35.16
CA GLU A 17 32.26 0.65 35.73
C GLU A 17 32.42 1.70 34.64
N GLU A 18 33.06 1.32 33.54
CA GLU A 18 33.26 2.21 32.41
C GLU A 18 31.91 2.73 31.88
N ALA A 19 30.94 1.83 31.74
CA ALA A 19 29.61 2.20 31.25
C ALA A 19 28.87 3.10 32.24
N ARG A 20 28.93 2.75 33.51
CA ARG A 20 28.30 3.56 34.56
C ARG A 20 28.90 4.96 34.64
N ARG A 21 30.22 5.06 34.56
CA ARG A 21 30.94 6.33 34.57
C ARG A 21 30.49 7.22 33.40
N ALA A 22 30.49 6.65 32.19
CA ALA A 22 30.08 7.37 30.99
C ALA A 22 28.63 7.86 31.07
N MET A 23 27.76 7.02 31.59
CA MET A 23 26.33 7.36 31.71
C MET A 23 26.09 8.46 32.77
N ARG A 24 26.79 8.34 33.90
CA ARG A 24 26.70 9.38 34.92
C ARG A 24 27.14 10.74 34.37
N GLU A 25 28.25 10.77 33.63
CA GLU A 25 28.69 12.03 33.05
C GLU A 25 27.67 12.57 32.04
N ALA A 26 27.11 11.68 31.20
CA ALA A 26 26.13 12.11 30.20
C ALA A 26 24.85 12.66 30.87
N LEU A 27 24.40 11.97 31.93
CA LEU A 27 23.24 12.42 32.72
C LEU A 27 23.49 13.78 33.35
N ARG A 28 24.65 13.94 33.95
CA ARG A 28 25.04 15.21 34.55
C ARG A 28 25.04 16.34 33.52
N ARG A 29 25.63 16.10 32.36
CA ARG A 29 25.70 17.17 31.34
C ARG A 29 24.33 17.50 30.77
N VAL A 30 23.47 16.50 30.59
CA VAL A 30 22.12 16.80 30.11
C VAL A 30 21.32 17.59 31.15
N ARG A 31 21.45 17.21 32.42
CA ARG A 31 20.75 17.90 33.52
C ARG A 31 21.21 19.35 33.61
N GLU A 32 22.51 19.56 33.46
CA GLU A 32 23.11 20.89 33.54
C GLU A 32 22.66 21.78 32.38
N GLU A 33 22.13 21.13 31.33
CA GLU A 33 21.65 21.77 30.10
C GLU A 33 20.14 22.04 30.12
N PHE A 34 19.44 21.64 31.18
CA PHE A 34 18.00 21.90 31.30
C PHE A 34 17.68 23.37 31.00
N GLY A 35 16.60 23.57 30.24
CA GLY A 35 16.12 24.91 29.91
C GLY A 35 16.59 25.43 28.57
N ARG A 36 17.46 24.66 27.90
CA ARG A 36 17.90 24.99 26.54
C ARG A 36 16.70 25.13 25.58
N HIS A 37 16.80 26.06 24.64
CA HIS A 37 15.76 26.27 23.63
C HIS A 37 16.20 25.80 22.26
N TYR A 38 15.35 25.04 21.57
CA TYR A 38 15.68 24.50 20.25
C TYR A 38 14.67 25.02 19.21
N PRO A 39 15.15 25.72 18.17
CA PRO A 39 14.23 26.20 17.12
C PRO A 39 13.68 25.08 16.22
N LEU A 40 12.82 25.46 15.26
CA LEU A 40 12.45 24.60 14.15
C LEU A 40 13.67 24.41 13.25
N TYR A 41 13.62 23.43 12.35
CA TYR A 41 14.66 23.26 11.36
C TYR A 41 13.95 23.15 10.02
N ILE A 42 14.15 24.16 9.18
CA ILE A 42 13.44 24.25 7.91
C ILE A 42 14.44 24.70 6.85
N GLY A 43 14.48 23.99 5.73
CA GLY A 43 15.36 24.36 4.63
C GLY A 43 16.81 24.57 5.04
N GLY A 44 17.32 23.68 5.90
CA GLY A 44 18.74 23.65 6.23
C GLY A 44 19.16 24.65 7.30
N GLU A 45 18.20 25.37 7.86
CA GLU A 45 18.50 26.31 8.94
C GLU A 45 17.56 26.22 10.13
N TRP A 46 18.10 26.57 11.29
CA TRP A 46 17.32 26.65 12.51
C TRP A 46 16.52 27.95 12.47
N VAL A 47 15.20 27.84 12.65
CA VAL A 47 14.27 28.96 12.52
C VAL A 47 13.42 29.06 13.78
N ASP A 48 13.52 30.18 14.49
CA ASP A 48 12.78 30.32 15.74
C ASP A 48 11.38 30.91 15.52
N THR A 49 10.52 30.80 16.53
CA THR A 49 9.19 31.38 16.50
C THR A 49 8.92 32.13 17.82
N LYS A 50 7.85 32.91 17.84
CA LYS A 50 7.46 33.62 19.05
C LYS A 50 6.88 32.67 20.10
N GLU A 51 5.96 31.81 19.67
CA GLU A 51 5.37 30.80 20.55
C GLU A 51 6.35 29.67 20.80
N ARG A 52 6.14 28.93 21.88
CA ARG A 52 7.04 27.82 22.21
C ARG A 52 6.31 26.57 22.72
N MET A 53 7.01 25.45 22.64
CA MET A 53 6.58 24.18 23.23
C MET A 53 7.46 23.93 24.44
N VAL A 54 6.85 23.51 25.54
CA VAL A 54 7.58 23.25 26.79
C VAL A 54 7.63 21.75 27.05
N SER A 55 8.83 21.24 27.35
CA SER A 55 8.99 19.84 27.68
C SER A 55 9.42 19.67 29.13
N LEU A 56 8.58 18.98 29.91
CA LEU A 56 8.80 18.75 31.33
C LEU A 56 9.50 17.43 31.62
N ASN A 57 10.12 17.35 32.79
CA ASN A 57 10.68 16.11 33.31
C ASN A 57 9.60 15.35 34.06
N PRO A 58 9.12 14.22 33.52
CA PRO A 58 8.00 13.51 34.18
C PRO A 58 8.35 12.93 35.56
N SER A 59 9.65 12.85 35.89
CA SER A 59 10.09 12.40 37.22
C SER A 59 10.05 13.55 38.23
N ALA A 60 9.95 14.77 37.73
CA ALA A 60 9.95 16.00 38.55
C ALA A 60 9.42 17.13 37.66
N PRO A 61 8.07 17.15 37.44
CA PRO A 61 7.49 18.02 36.39
C PRO A 61 7.57 19.52 36.62
N SER A 62 8.12 19.95 37.75
CA SER A 62 8.45 21.37 37.93
C SER A 62 9.71 21.76 37.15
N GLU A 63 10.45 20.76 36.68
CA GLU A 63 11.69 20.95 35.95
C GLU A 63 11.43 20.95 34.45
N VAL A 64 11.89 22.01 33.79
CA VAL A 64 11.76 22.15 32.35
C VAL A 64 13.03 21.60 31.71
N VAL A 65 12.89 20.46 31.03
CA VAL A 65 14.02 19.87 30.32
C VAL A 65 14.48 20.82 29.21
N GLY A 66 13.53 21.36 28.47
CA GLY A 66 13.87 22.31 27.41
C GLY A 66 12.61 22.84 26.77
N THR A 67 12.77 23.80 25.86
CA THR A 67 11.66 24.32 25.08
C THR A 67 12.04 24.27 23.63
N THR A 68 11.05 24.24 22.76
CA THR A 68 11.31 24.38 21.34
C THR A 68 10.41 25.46 20.77
N ALA A 69 10.73 25.88 19.56
CA ALA A 69 9.84 26.72 18.77
C ALA A 69 8.56 25.93 18.46
N LYS A 70 7.55 26.62 17.95
CA LYS A 70 6.24 26.01 17.69
C LYS A 70 5.78 26.30 16.27
N ALA A 71 5.57 25.23 15.50
CA ALA A 71 5.16 25.32 14.11
C ALA A 71 3.64 25.46 13.98
N GLY A 72 3.23 26.52 13.29
CA GLY A 72 1.86 26.70 12.86
C GLY A 72 1.75 26.57 11.35
N LYS A 73 0.65 27.06 10.78
CA LYS A 73 0.42 26.90 9.33
C LYS A 73 1.51 27.56 8.47
N ALA A 74 1.96 28.76 8.83
CA ALA A 74 2.99 29.45 8.05
C ALA A 74 4.29 28.64 7.98
N GLU A 75 4.68 28.07 9.11
CA GLU A 75 5.89 27.26 9.18
C GLU A 75 5.71 25.96 8.42
N ALA A 76 4.50 25.38 8.51
CA ALA A 76 4.15 24.19 7.72
C ALA A 76 4.29 24.48 6.23
N GLU A 77 3.78 25.63 5.78
CA GLU A 77 3.94 26.03 4.38
C GLU A 77 5.40 26.23 3.97
N ALA A 78 6.18 26.86 4.84
CA ALA A 78 7.59 27.09 4.57
C ALA A 78 8.32 25.75 4.42
N ALA A 79 7.97 24.81 5.30
CA ALA A 79 8.59 23.48 5.27
C ALA A 79 8.19 22.74 3.99
N LEU A 80 6.92 22.87 3.59
CA LEU A 80 6.45 22.26 2.33
C LEU A 80 7.23 22.76 1.12
N GLU A 81 7.39 24.08 1.02
CA GLU A 81 8.14 24.64 -0.09
C GLU A 81 9.58 24.14 -0.08
N ALA A 82 10.22 24.12 1.08
CA ALA A 82 11.60 23.65 1.19
C ALA A 82 11.70 22.17 0.79
N ALA A 83 10.76 21.37 1.28
CA ALA A 83 10.79 19.94 1.01
C ALA A 83 10.57 19.60 -0.45
N TRP A 84 9.63 20.30 -1.09
CA TRP A 84 9.41 20.06 -2.52
C TRP A 84 10.55 20.56 -3.38
N LYS A 85 11.10 21.73 -3.03
CA LYS A 85 12.26 22.24 -3.73
C LYS A 85 13.44 21.24 -3.63
N ALA A 86 13.65 20.69 -2.42
CA ALA A 86 14.76 19.75 -2.20
C ALA A 86 14.53 18.45 -2.95
N PHE A 87 13.28 17.99 -2.99
CA PHE A 87 12.95 16.72 -3.63
C PHE A 87 13.41 16.71 -5.07
N LYS A 88 13.24 17.83 -5.76
CA LYS A 88 13.59 17.92 -7.17
C LYS A 88 15.02 17.46 -7.46
N THR A 89 15.95 17.75 -6.55
CA THR A 89 17.34 17.33 -6.74
C THR A 89 17.73 16.10 -5.92
N TRP A 90 17.21 16.01 -4.70
CA TRP A 90 17.49 14.85 -3.83
C TRP A 90 17.09 13.53 -4.46
N LYS A 91 15.98 13.53 -5.19
CA LYS A 91 15.52 12.33 -5.88
C LYS A 91 16.55 11.81 -6.91
N ASP A 92 17.40 12.69 -7.42
CA ASP A 92 18.37 12.35 -8.47
C ASP A 92 19.74 11.98 -7.94
N TRP A 93 19.97 12.10 -6.63
CA TRP A 93 21.21 11.58 -6.06
C TRP A 93 21.33 10.09 -6.37
N PRO A 94 22.54 9.63 -6.71
CA PRO A 94 22.74 8.18 -6.76
C PRO A 94 22.38 7.57 -5.40
N GLN A 95 21.81 6.36 -5.42
CA GLN A 95 21.47 5.71 -4.15
C GLN A 95 22.68 5.55 -3.24
N GLU A 96 23.83 5.23 -3.84
CA GLU A 96 25.07 5.10 -3.07
C GLU A 96 25.40 6.35 -2.24
N ASP A 97 25.17 7.52 -2.84
CA ASP A 97 25.42 8.81 -2.19
C ASP A 97 24.44 9.06 -1.03
N ARG A 98 23.16 8.75 -1.26
CA ARG A 98 22.13 8.87 -0.20
C ARG A 98 22.43 7.90 0.93
N SER A 99 22.79 6.66 0.59
CA SER A 99 23.07 5.65 1.60
C SER A 99 24.31 6.02 2.45
N ARG A 100 25.35 6.57 1.80
CA ARG A 100 26.51 7.10 2.54
C ARG A 100 26.12 8.19 3.53
N LEU A 101 25.17 9.05 3.14
CA LEU A 101 24.72 10.12 4.03
C LEU A 101 24.07 9.51 5.28
N LEU A 102 23.21 8.51 5.08
CA LEU A 102 22.66 7.78 6.23
C LEU A 102 23.75 7.18 7.11
N LEU A 103 24.73 6.50 6.50
CA LEU A 103 25.81 5.91 7.28
C LEU A 103 26.58 6.94 8.10
N LYS A 104 26.79 8.13 7.53
CA LYS A 104 27.43 9.22 8.28
C LYS A 104 26.54 9.61 9.48
N ALA A 105 25.23 9.77 9.25
CA ALA A 105 24.31 10.09 10.34
C ALA A 105 24.34 9.02 11.45
N ALA A 106 24.40 7.73 11.09
CA ALA A 106 24.48 6.67 12.11
C ALA A 106 25.77 6.78 12.92
N ALA A 107 26.89 7.09 12.24
CA ALA A 107 28.16 7.25 12.95
C ALA A 107 28.12 8.42 13.94
N LEU A 108 27.51 9.53 13.52
CA LEU A 108 27.32 10.67 14.42
C LEU A 108 26.38 10.35 15.59
N MET A 109 25.30 9.62 15.31
CA MET A 109 24.39 9.21 16.38
C MET A 109 25.09 8.29 17.37
N ARG A 110 25.90 7.36 16.87
CA ARG A 110 26.61 6.41 17.74
C ARG A 110 27.55 7.16 18.68
N ARG A 111 28.23 8.18 18.17
CA ARG A 111 29.14 8.98 19.00
C ARG A 111 28.42 9.84 20.05
N ARG A 112 27.12 10.04 19.88
CA ARG A 112 26.32 10.82 20.82
C ARG A 112 25.35 9.96 21.61
N LYS A 113 25.61 8.65 21.63
CA LYS A 113 24.69 7.68 22.22
C LYS A 113 24.34 7.99 23.69
N ARG A 114 25.34 8.19 24.54
CA ARG A 114 25.07 8.38 25.98
C ARG A 114 24.25 9.66 26.20
N GLU A 115 24.60 10.72 25.47
CA GLU A 115 23.84 11.97 25.55
C GLU A 115 22.37 11.77 25.19
N LEU A 116 22.12 11.04 24.09
CA LEU A 116 20.75 10.82 23.66
C LEU A 116 19.98 9.95 24.66
N GLU A 117 20.66 8.91 25.17
CA GLU A 117 20.06 8.07 26.22
C GLU A 117 19.69 8.91 27.44
N ALA A 118 20.65 9.71 27.92
CA ALA A 118 20.41 10.58 29.07
C ALA A 118 19.25 11.56 28.83
N THR A 119 19.11 12.04 27.60
CA THR A 119 18.00 12.92 27.26
C THR A 119 16.65 12.19 27.34
N LEU A 120 16.63 10.91 26.94
CA LEU A 120 15.41 10.08 27.08
C LEU A 120 15.04 9.85 28.54
N VAL A 121 16.05 9.62 29.37
CA VAL A 121 15.84 9.42 30.79
C VAL A 121 15.10 10.62 31.38
N TYR A 122 15.60 11.83 31.12
CA TYR A 122 14.99 13.03 31.70
C TYR A 122 13.73 13.48 31.00
N GLU A 123 13.65 13.31 29.68
CA GLU A 123 12.53 13.87 28.96
C GLU A 123 11.29 12.99 28.94
N VAL A 124 11.47 11.67 28.82
CA VAL A 124 10.33 10.76 28.80
C VAL A 124 10.34 9.67 29.90
N GLY A 125 11.27 9.77 30.85
CA GLY A 125 11.21 8.89 32.01
C GLY A 125 11.59 7.43 31.77
N LYS A 126 12.47 7.19 30.80
CA LYS A 126 13.05 5.85 30.60
C LYS A 126 14.14 5.59 31.62
N ASN A 127 14.17 4.37 32.16
CA ASN A 127 15.36 3.98 32.93
C ASN A 127 16.54 3.80 31.96
N TRP A 128 17.70 3.47 32.47
CA TRP A 128 18.89 3.55 31.64
C TRP A 128 18.88 2.54 30.49
N VAL A 129 18.45 1.31 30.78
CA VAL A 129 18.46 0.26 29.74
C VAL A 129 17.37 0.50 28.69
N GLU A 130 16.18 0.94 29.13
CA GLU A 130 15.16 1.31 28.15
C GLU A 130 15.66 2.45 27.23
N ALA A 131 16.38 3.41 27.80
CA ALA A 131 16.92 4.50 27.01
C ALA A 131 17.95 3.97 26.01
N SER A 132 18.81 3.07 26.47
CA SER A 132 19.85 2.54 25.59
C SER A 132 19.23 1.73 24.43
N ALA A 133 18.19 0.96 24.72
CA ALA A 133 17.52 0.17 23.68
C ALA A 133 16.95 1.07 22.60
N ASP A 134 16.36 2.19 23.01
CA ASP A 134 15.69 3.14 22.12
C ASP A 134 16.73 3.75 21.15
N VAL A 135 17.82 4.27 21.69
CA VAL A 135 18.87 4.83 20.85
C VAL A 135 19.51 3.76 19.95
N ALA A 136 19.72 2.56 20.47
CA ALA A 136 20.34 1.51 19.65
C ALA A 136 19.45 1.15 18.48
N GLU A 137 18.13 1.12 18.73
CA GLU A 137 17.15 0.86 17.67
C GLU A 137 17.18 1.95 16.60
N ALA A 138 17.32 3.21 17.03
CA ALA A 138 17.43 4.32 16.08
C ALA A 138 18.65 4.13 15.16
N ILE A 139 19.80 3.82 15.76
CA ILE A 139 21.03 3.58 15.00
C ILE A 139 20.80 2.43 14.03
N ASP A 140 20.16 1.37 14.52
CA ASP A 140 19.85 0.22 13.67
C ASP A 140 18.99 0.59 12.46
N PHE A 141 17.99 1.45 12.65
CA PHE A 141 17.14 1.85 11.51
C PHE A 141 17.99 2.53 10.44
N ILE A 142 18.90 3.41 10.86
CA ILE A 142 19.72 4.14 9.90
C ILE A 142 20.63 3.15 9.16
N GLU A 143 21.30 2.28 9.91
CA GLU A 143 22.22 1.30 9.32
C GLU A 143 21.50 0.33 8.38
N TYR A 144 20.32 -0.12 8.82
CA TYR A 144 19.56 -1.08 8.07
C TYR A 144 18.99 -0.47 6.80
N TYR A 145 18.32 0.66 6.92
CA TYR A 145 17.71 1.29 5.74
C TYR A 145 18.75 1.78 4.73
N ALA A 146 19.93 2.21 5.19
CA ALA A 146 21.00 2.59 4.28
C ALA A 146 21.35 1.44 3.33
N ARG A 147 21.45 0.24 3.89
CA ARG A 147 21.77 -0.96 3.12
C ARG A 147 20.58 -1.46 2.30
N ALA A 148 19.39 -1.47 2.91
CA ALA A 148 18.21 -1.96 2.20
C ALA A 148 17.88 -1.14 0.98
N ALA A 149 18.11 0.17 1.06
CA ALA A 149 17.82 1.08 -0.06
C ALA A 149 18.60 0.68 -1.32
N LEU A 150 19.80 0.16 -1.13
CA LEU A 150 20.59 -0.24 -2.29
C LEU A 150 19.95 -1.37 -3.08
N ARG A 151 19.11 -2.16 -2.42
CA ARG A 151 18.41 -3.27 -3.08
C ARG A 151 17.35 -2.81 -4.08
N TYR A 152 17.00 -1.52 -4.02
CA TYR A 152 16.00 -0.93 -4.90
C TYR A 152 16.60 -0.06 -6.02
N ARG A 153 17.94 -0.05 -6.13
CA ARG A 153 18.62 0.94 -6.99
C ARG A 153 18.42 0.70 -8.50
N TYR A 154 18.52 1.78 -9.28
CA TYR A 154 18.25 1.76 -10.72
C TYR A 154 19.06 0.69 -11.49
N PRO A 155 18.40 -0.10 -12.37
CA PRO A 155 16.97 -0.41 -12.51
C PRO A 155 16.67 -1.78 -11.87
N ALA A 156 15.88 -1.79 -10.79
CA ALA A 156 15.85 -2.96 -9.91
C ALA A 156 14.78 -4.02 -10.26
N VAL A 157 13.90 -3.73 -11.19
CA VAL A 157 12.74 -4.62 -11.38
C VAL A 157 13.03 -5.72 -12.38
N GLU A 158 12.65 -6.94 -12.00
CA GLU A 158 12.76 -8.12 -12.84
C GLU A 158 11.59 -8.20 -13.80
N VAL A 159 11.88 -8.04 -15.09
CA VAL A 159 10.85 -8.08 -16.12
C VAL A 159 11.19 -9.13 -17.19
N VAL A 160 10.16 -9.49 -17.94
CA VAL A 160 10.26 -10.44 -19.04
C VAL A 160 10.70 -9.69 -20.31
N PRO A 161 11.76 -10.19 -20.99
CA PRO A 161 12.24 -9.51 -22.21
C PRO A 161 11.31 -9.67 -23.40
N TYR A 162 11.46 -8.79 -24.39
CA TYR A 162 10.64 -8.84 -25.60
C TYR A 162 11.56 -8.57 -26.79
N PRO A 163 11.35 -9.30 -27.90
CA PRO A 163 12.22 -9.12 -29.07
C PRO A 163 12.26 -7.70 -29.59
N GLY A 164 13.46 -7.21 -29.90
CA GLY A 164 13.62 -5.91 -30.56
C GLY A 164 13.44 -4.70 -29.66
N GLU A 165 13.36 -4.94 -28.35
CA GLU A 165 13.08 -3.88 -27.39
C GLU A 165 13.94 -3.98 -26.15
N ASP A 166 14.24 -2.82 -25.58
CA ASP A 166 14.67 -2.77 -24.19
C ASP A 166 13.46 -2.45 -23.32
N ASN A 167 13.27 -3.25 -22.28
CA ASN A 167 12.21 -2.97 -21.31
C ASN A 167 12.81 -2.80 -19.95
N GLU A 168 12.65 -1.59 -19.40
CA GLU A 168 13.34 -1.24 -18.17
C GLU A 168 12.38 -0.66 -17.16
N SER A 169 12.23 -1.39 -16.05
CA SER A 169 11.38 -0.93 -14.95
C SER A 169 12.25 -0.57 -13.75
N PHE A 170 11.86 0.51 -13.09
CA PHE A 170 12.66 1.05 -11.99
C PHE A 170 11.82 1.83 -10.99
N TYR A 171 12.34 1.94 -9.78
CA TYR A 171 11.65 2.68 -8.72
C TYR A 171 12.06 4.13 -8.66
N VAL A 172 11.10 4.96 -8.30
CA VAL A 172 11.34 6.37 -8.03
C VAL A 172 10.64 6.75 -6.73
N PRO A 173 11.22 7.71 -5.98
CA PRO A 173 10.57 8.19 -4.77
C PRO A 173 9.30 8.97 -5.07
N LEU A 174 8.46 9.12 -4.04
CA LEU A 174 7.14 9.74 -4.16
C LEU A 174 7.13 11.26 -4.14
N GLY A 175 7.84 11.86 -3.19
CA GLY A 175 7.83 13.31 -3.05
C GLY A 175 8.08 13.72 -1.63
N ALA A 176 7.45 14.82 -1.22
CA ALA A 176 7.53 15.33 0.14
C ALA A 176 6.36 14.79 0.93
N GLY A 177 6.66 14.22 2.11
CA GLY A 177 5.61 13.70 2.98
C GLY A 177 5.80 14.18 4.41
N VAL A 178 4.82 13.85 5.25
CA VAL A 178 4.88 14.22 6.66
C VAL A 178 5.03 12.97 7.52
N VAL A 179 5.91 13.06 8.52
CA VAL A 179 6.11 12.01 9.51
C VAL A 179 5.57 12.56 10.84
N ILE A 180 4.68 11.78 11.46
CA ILE A 180 4.03 12.21 12.72
C ILE A 180 4.31 11.12 13.74
N ALA A 181 5.02 11.47 14.81
CA ALA A 181 5.68 10.49 15.67
C ALA A 181 5.15 10.48 17.11
N PRO A 182 5.32 9.35 17.81
CA PRO A 182 4.91 9.22 19.19
C PRO A 182 5.98 9.59 20.21
N TRP A 183 5.57 9.79 21.47
CA TRP A 183 6.51 10.11 22.55
C TRP A 183 7.21 8.90 23.16
N ASN A 184 6.72 7.70 22.89
CA ASN A 184 7.23 6.54 23.66
C ASN A 184 8.53 5.93 23.14
N PHE A 185 8.79 6.10 21.84
CA PHE A 185 10.10 5.80 21.23
C PHE A 185 10.53 6.98 20.38
N PRO A 186 10.85 8.10 21.05
CA PRO A 186 11.02 9.36 20.34
C PRO A 186 12.39 9.57 19.72
N VAL A 187 13.30 8.60 19.91
CA VAL A 187 14.51 8.58 19.10
C VAL A 187 14.37 7.49 18.03
N ALA A 188 14.08 6.26 18.44
CA ALA A 188 13.97 5.14 17.50
C ALA A 188 12.94 5.33 16.41
N ILE A 189 11.67 5.49 16.80
CA ILE A 189 10.60 5.51 15.79
C ILE A 189 10.60 6.82 14.99
N PHE A 190 10.91 7.92 15.66
CA PHE A 190 11.10 9.22 15.01
C PHE A 190 12.14 9.09 13.91
N THR A 191 13.30 8.51 14.25
CA THR A 191 14.40 8.36 13.29
C THR A 191 14.02 7.41 12.15
N GLY A 192 13.50 6.24 12.51
CA GLY A 192 13.13 5.24 11.51
C GLY A 192 12.15 5.75 10.46
N MET A 193 11.10 6.43 10.93
CA MET A 193 10.04 6.90 10.05
C MET A 193 10.53 8.02 9.12
N ILE A 194 11.58 8.73 9.54
CA ILE A 194 12.17 9.78 8.72
C ILE A 194 13.18 9.20 7.73
N VAL A 195 14.13 8.43 8.23
CA VAL A 195 15.25 8.01 7.35
C VAL A 195 14.91 6.97 6.30
N GLY A 196 13.87 6.18 6.55
CA GLY A 196 13.44 5.17 5.56
C GLY A 196 13.00 5.87 4.28
N PRO A 197 11.96 6.72 4.36
CA PRO A 197 11.55 7.46 3.16
C PRO A 197 12.68 8.30 2.53
N VAL A 198 13.45 8.99 3.37
CA VAL A 198 14.53 9.85 2.89
C VAL A 198 15.60 9.03 2.16
N ALA A 199 15.91 7.84 2.66
CA ALA A 199 16.99 7.02 2.06
C ALA A 199 16.78 6.82 0.56
N VAL A 200 15.54 6.61 0.17
CA VAL A 200 15.24 6.26 -1.24
C VAL A 200 14.82 7.45 -2.07
N GLY A 201 14.95 8.66 -1.50
CA GLY A 201 14.83 9.87 -2.31
C GLY A 201 13.63 10.75 -2.02
N ASN A 202 12.83 10.39 -1.02
CA ASN A 202 11.77 11.29 -0.57
C ASN A 202 12.34 12.39 0.33
N THR A 203 11.53 13.42 0.58
CA THR A 203 11.86 14.46 1.56
C THR A 203 10.76 14.46 2.61
N VAL A 204 11.07 14.91 3.82
CA VAL A 204 10.19 14.73 4.97
C VAL A 204 10.05 16.00 5.81
N ILE A 205 8.84 16.23 6.29
CA ILE A 205 8.52 17.19 7.35
C ILE A 205 8.15 16.34 8.55
N ALA A 206 8.91 16.48 9.64
CA ALA A 206 8.73 15.61 10.80
C ALA A 206 8.12 16.38 11.97
N LYS A 207 7.06 15.82 12.53
CA LYS A 207 6.34 16.41 13.64
C LYS A 207 6.52 15.52 14.89
N PRO A 208 7.44 15.87 15.80
CA PRO A 208 7.62 15.05 17.01
C PRO A 208 6.45 15.20 17.97
N ALA A 209 6.23 14.20 18.81
CA ALA A 209 5.23 14.27 19.86
C ALA A 209 5.59 15.39 20.84
N GLU A 210 4.58 16.03 21.39
CA GLU A 210 4.80 17.16 22.30
C GLU A 210 5.69 16.88 23.48
N ASP A 211 5.55 15.68 24.05
CA ASP A 211 6.31 15.29 25.24
C ASP A 211 7.78 14.97 24.97
N ALA A 212 8.17 14.92 23.70
CA ALA A 212 9.51 14.48 23.32
C ALA A 212 10.18 15.37 22.26
N VAL A 213 9.88 16.67 22.34
CA VAL A 213 10.37 17.64 21.36
C VAL A 213 11.88 17.91 21.46
N VAL A 214 12.43 17.83 22.68
CA VAL A 214 13.86 18.10 22.88
C VAL A 214 14.74 17.01 22.23
N VAL A 215 14.42 15.76 22.50
CA VAL A 215 15.19 14.68 21.91
C VAL A 215 15.04 14.64 20.37
N GLY A 216 13.85 15.04 19.90
CA GLY A 216 13.62 15.24 18.47
C GLY A 216 14.57 16.28 17.88
N ALA A 217 14.78 17.37 18.61
CA ALA A 217 15.68 18.42 18.15
C ALA A 217 17.11 17.92 18.09
N LYS A 218 17.52 17.11 19.08
CA LYS A 218 18.87 16.56 19.09
C LYS A 218 19.11 15.60 17.92
N VAL A 219 18.10 14.82 17.54
CA VAL A 219 18.19 14.00 16.32
C VAL A 219 18.43 14.90 15.09
N PHE A 220 17.72 16.02 15.01
CA PHE A 220 17.95 16.99 13.95
C PHE A 220 19.31 17.65 13.96
N GLU A 221 19.89 17.85 15.15
CA GLU A 221 21.28 18.31 15.22
C GLU A 221 22.20 17.32 14.51
N ILE A 222 21.94 16.03 14.70
CA ILE A 222 22.69 15.00 14.00
C ILE A 222 22.50 15.05 12.48
N PHE A 223 21.25 15.22 12.04
CA PHE A 223 20.95 15.30 10.61
C PHE A 223 21.68 16.49 9.99
N HIS A 224 21.64 17.62 10.70
CA HIS A 224 22.28 18.82 10.20
C HIS A 224 23.79 18.61 10.08
N GLU A 225 24.40 18.06 11.13
CA GLU A 225 25.85 17.80 11.11
C GLU A 225 26.25 16.81 10.00
N ALA A 226 25.42 15.81 9.77
CA ALA A 226 25.64 14.82 8.72
C ALA A 226 25.68 15.46 7.34
N GLY A 227 24.90 16.54 7.18
CA GLY A 227 24.91 17.30 5.94
C GLY A 227 23.80 16.97 4.95
N PHE A 228 22.64 16.52 5.43
CA PHE A 228 21.51 16.41 4.52
C PHE A 228 21.26 17.77 3.86
N PRO A 229 21.10 17.79 2.52
CA PRO A 229 20.86 19.07 1.82
C PRO A 229 19.63 19.80 2.35
N PRO A 230 19.62 21.14 2.25
CA PRO A 230 18.49 21.94 2.74
C PRO A 230 17.14 21.43 2.22
N GLY A 231 16.16 21.33 3.11
CA GLY A 231 14.82 20.89 2.75
C GLY A 231 14.58 19.39 2.76
N VAL A 232 15.64 18.59 2.81
CA VAL A 232 15.46 17.13 2.76
C VAL A 232 14.79 16.58 4.01
N VAL A 233 15.21 17.09 5.17
CA VAL A 233 14.54 16.81 6.45
C VAL A 233 14.25 18.13 7.16
N ASN A 234 13.02 18.24 7.67
CA ASN A 234 12.53 19.43 8.38
C ASN A 234 11.86 19.05 9.69
N PHE A 235 12.10 19.86 10.71
CA PHE A 235 11.71 19.60 12.09
C PHE A 235 10.64 20.61 12.52
N LEU A 236 9.42 20.12 12.72
CA LEU A 236 8.28 20.97 13.07
C LEU A 236 7.58 20.54 14.35
N PRO A 237 8.23 20.77 15.51
CA PRO A 237 7.53 20.57 16.77
C PRO A 237 6.31 21.47 16.79
N GLY A 238 5.23 20.94 17.35
CA GLY A 238 3.95 21.65 17.37
C GLY A 238 2.84 20.72 17.78
N VAL A 239 1.62 21.23 17.69
CA VAL A 239 0.44 20.52 18.17
C VAL A 239 -0.10 19.63 17.06
N GLY A 240 -0.11 18.32 17.31
CA GLY A 240 -0.58 17.36 16.31
C GLY A 240 -1.95 17.66 15.73
N GLU A 241 -2.93 17.94 16.59
CA GLU A 241 -4.30 18.24 16.15
C GLU A 241 -4.42 19.53 15.35
N GLU A 242 -3.37 20.34 15.36
CA GLU A 242 -3.34 21.59 14.63
C GLU A 242 -2.43 21.47 13.42
N VAL A 243 -1.12 21.62 13.61
CA VAL A 243 -0.20 21.56 12.47
C VAL A 243 -0.09 20.15 11.84
N GLY A 244 -0.19 19.11 12.65
CA GLY A 244 -0.17 17.74 12.12
C GLY A 244 -1.35 17.47 11.20
N ALA A 245 -2.55 17.77 11.69
CA ALA A 245 -3.76 17.62 10.86
C ALA A 245 -3.67 18.50 9.60
N TYR A 246 -3.15 19.71 9.74
CA TYR A 246 -3.00 20.62 8.61
C TYR A 246 -2.20 19.97 7.50
N LEU A 247 -1.10 19.30 7.86
CA LEU A 247 -0.26 18.64 6.86
C LEU A 247 -0.92 17.38 6.30
N VAL A 248 -1.53 16.59 7.18
CA VAL A 248 -2.26 15.38 6.75
C VAL A 248 -3.28 15.71 5.66
N GLU A 249 -4.01 16.82 5.85
CA GLU A 249 -5.12 17.22 5.00
C GLU A 249 -4.69 18.02 3.77
N HIS A 250 -3.40 18.35 3.69
CA HIS A 250 -2.89 19.28 2.69
C HIS A 250 -2.87 18.65 1.28
N PRO A 251 -3.30 19.40 0.25
CA PRO A 251 -3.28 18.80 -1.10
C PRO A 251 -1.88 18.50 -1.62
N ARG A 252 -0.86 19.16 -1.07
CA ARG A 252 0.53 19.01 -1.55
C ARG A 252 1.39 18.07 -0.69
N ILE A 253 0.76 17.35 0.24
CA ILE A 253 1.45 16.28 0.99
C ILE A 253 1.27 14.95 0.26
N ARG A 254 2.38 14.28 -0.06
CA ARG A 254 2.33 13.07 -0.91
C ARG A 254 2.04 11.78 -0.13
N PHE A 255 2.57 11.71 1.07
CA PHE A 255 2.42 10.55 1.93
C PHE A 255 2.47 10.96 3.38
N ILE A 256 1.95 10.09 4.23
CA ILE A 256 1.92 10.31 5.66
C ILE A 256 2.46 9.06 6.31
N ASN A 257 3.46 9.22 7.18
CA ASN A 257 4.03 8.11 7.94
C ASN A 257 3.72 8.41 9.39
N PHE A 258 2.81 7.62 9.97
CA PHE A 258 2.29 7.87 11.31
C PHE A 258 2.46 6.66 12.21
N THR A 259 2.92 6.93 13.42
CA THR A 259 2.88 5.95 14.49
C THR A 259 2.29 6.64 15.73
N GLY A 260 1.29 6.02 16.34
CA GLY A 260 0.57 6.64 17.46
C GLY A 260 -0.70 5.90 17.79
N SER A 261 -1.64 6.60 18.43
CA SER A 261 -2.87 5.96 18.90
C SER A 261 -3.78 5.56 17.75
N LEU A 262 -4.60 4.54 18.03
CA LEU A 262 -5.65 4.13 17.09
C LEU A 262 -6.61 5.28 16.79
N GLU A 263 -7.00 6.03 17.82
CA GLU A 263 -7.92 7.15 17.61
C GLU A 263 -7.41 8.14 16.57
N VAL A 264 -6.14 8.52 16.65
CA VAL A 264 -5.55 9.46 15.71
C VAL A 264 -5.32 8.79 14.35
N GLY A 265 -4.81 7.55 14.39
CA GLY A 265 -4.61 6.78 13.15
C GLY A 265 -5.86 6.66 12.28
N LEU A 266 -7.00 6.44 12.92
CA LEU A 266 -8.26 6.37 12.18
C LEU A 266 -8.57 7.68 11.47
N LYS A 267 -8.38 8.80 12.17
CA LYS A 267 -8.62 10.11 11.58
C LYS A 267 -7.68 10.38 10.41
N ILE A 268 -6.41 9.98 10.56
CA ILE A 268 -5.40 10.20 9.53
C ILE A 268 -5.69 9.35 8.29
N TYR A 269 -6.04 8.08 8.49
CA TYR A 269 -6.32 7.19 7.37
C TYR A 269 -7.55 7.67 6.59
N GLU A 270 -8.55 8.14 7.33
CA GLU A 270 -9.76 8.64 6.69
C GLU A 270 -9.45 9.90 5.86
N ALA A 271 -8.72 10.84 6.48
CA ALA A 271 -8.35 12.07 5.79
C ALA A 271 -7.49 11.80 4.55
N ALA A 272 -6.58 10.83 4.65
CA ALA A 272 -5.70 10.50 3.53
C ALA A 272 -6.47 9.95 2.33
N GLY A 273 -7.65 9.38 2.57
CA GLY A 273 -8.48 8.83 1.50
C GLY A 273 -9.22 9.89 0.70
N ARG A 274 -9.21 11.12 1.20
CA ARG A 274 -9.93 12.23 0.58
C ARG A 274 -9.07 13.01 -0.41
N LEU A 275 -9.68 13.47 -1.51
CA LEU A 275 -8.97 14.33 -2.44
C LEU A 275 -9.15 15.78 -2.00
N ALA A 276 -8.11 16.35 -1.39
CA ALA A 276 -8.13 17.77 -1.01
C ALA A 276 -8.26 18.64 -2.27
N PRO A 277 -8.88 19.83 -2.16
CA PRO A 277 -8.99 20.68 -3.34
C PRO A 277 -7.64 20.94 -4.01
N GLY A 278 -7.57 20.55 -5.29
CA GLY A 278 -6.39 20.77 -6.10
C GLY A 278 -5.36 19.64 -6.03
N GLN A 279 -5.65 18.64 -5.20
CA GLN A 279 -4.75 17.48 -5.03
C GLN A 279 -4.68 16.66 -6.31
N THR A 280 -3.49 16.20 -6.69
CA THR A 280 -3.30 15.50 -7.97
C THR A 280 -2.73 14.09 -7.82
N TRP A 281 -3.01 13.45 -6.69
CA TRP A 281 -2.60 12.06 -6.46
C TRP A 281 -3.45 11.42 -5.39
N PHE A 282 -3.32 10.10 -5.28
CA PHE A 282 -3.93 9.35 -4.20
C PHE A 282 -2.89 9.27 -3.10
N LYS A 283 -3.18 9.91 -1.96
CA LYS A 283 -2.22 9.90 -0.87
C LYS A 283 -1.99 8.49 -0.33
N ARG A 284 -0.74 8.20 0.03
CA ARG A 284 -0.42 7.00 0.80
C ARG A 284 -0.31 7.36 2.26
N ALA A 285 -0.96 6.58 3.11
CA ALA A 285 -0.89 6.75 4.57
C ALA A 285 -0.55 5.43 5.21
N TYR A 286 0.51 5.46 5.99
CA TYR A 286 0.93 4.30 6.76
C TYR A 286 0.69 4.67 8.20
N VAL A 287 -0.08 3.84 8.89
CA VAL A 287 -0.48 4.13 10.26
C VAL A 287 -0.24 2.90 11.11
N GLU A 288 0.63 3.04 12.10
CA GLU A 288 0.94 1.94 12.97
C GLU A 288 0.40 2.37 14.34
N THR A 289 -0.59 1.61 14.79
N THR A 289 -0.58 1.61 14.85
CA THR A 289 -1.43 2.03 15.88
CA THR A 289 -1.54 2.15 15.83
C THR A 289 -1.17 1.12 17.08
C THR A 289 -1.76 1.41 17.19
N GLY A 290 -2.08 1.13 18.05
N GLY A 290 -0.71 0.80 17.73
CA GLY A 290 -1.86 0.45 19.30
CA GLY A 290 -0.77 0.20 19.06
C GLY A 290 -2.02 -1.06 19.27
C GLY A 290 -1.40 -1.19 19.11
N GLY A 291 -1.89 -1.65 20.45
N GLY A 291 -1.70 -1.67 20.33
CA GLY A 291 -2.05 -3.08 20.64
CA GLY A 291 -2.26 -3.02 20.51
C GLY A 291 -2.72 -3.38 21.96
C GLY A 291 -2.90 -3.31 21.86
N LYS A 292 -3.34 -4.55 22.05
CA LYS A 292 -3.78 -5.08 23.33
C LYS A 292 -3.16 -6.48 23.42
N ASP A 293 -1.87 -6.50 23.75
CA ASP A 293 -1.04 -7.69 23.49
C ASP A 293 -1.10 -8.70 24.63
N ALA A 294 -1.21 -9.97 24.26
CA ALA A 294 -1.31 -11.03 25.26
C ALA A 294 -0.11 -11.95 25.24
N ILE A 295 0.24 -12.41 26.43
CA ILE A 295 1.06 -13.63 26.57
C ILE A 295 0.17 -14.77 27.09
N ILE A 296 0.19 -15.89 26.38
CA ILE A 296 -0.49 -17.13 26.80
C ILE A 296 0.56 -17.98 27.51
N VAL A 297 0.20 -18.57 28.65
CA VAL A 297 1.06 -19.58 29.29
C VAL A 297 0.20 -20.82 29.53
N ASP A 298 0.71 -21.97 29.12
CA ASP A 298 0.02 -23.22 29.37
C ASP A 298 0.75 -24.04 30.44
N GLU A 299 0.15 -25.18 30.81
CA GLU A 299 0.65 -25.94 31.97
C GLU A 299 1.98 -26.66 31.73
N THR A 300 2.44 -26.65 30.48
CA THR A 300 3.70 -27.30 30.14
C THR A 300 4.89 -26.34 30.20
N ALA A 301 4.62 -25.05 30.39
CA ALA A 301 5.68 -24.03 30.35
C ALA A 301 6.67 -24.09 31.51
N ASP A 302 7.82 -23.46 31.31
CA ASP A 302 8.73 -23.15 32.41
C ASP A 302 8.13 -21.92 33.10
N PHE A 303 7.49 -22.15 34.25
CA PHE A 303 6.74 -21.09 34.93
C PHE A 303 7.60 -19.91 35.42
N ASP A 304 8.84 -20.19 35.82
CA ASP A 304 9.76 -19.16 36.27
C ASP A 304 10.21 -18.31 35.08
N LEU A 305 10.56 -18.99 33.99
CA LEU A 305 10.89 -18.30 32.76
C LEU A 305 9.71 -17.43 32.29
N ALA A 306 8.51 -18.00 32.31
CA ALA A 306 7.30 -17.27 31.89
C ALA A 306 7.06 -16.03 32.74
N ALA A 307 7.13 -16.19 34.07
CA ALA A 307 6.87 -15.06 34.96
C ALA A 307 7.86 -13.92 34.74
N GLU A 308 9.13 -14.25 34.52
CA GLU A 308 10.12 -13.22 34.26
C GLU A 308 9.78 -12.46 32.98
N GLY A 309 9.47 -13.21 31.92
CA GLY A 309 9.19 -12.62 30.61
C GLY A 309 7.93 -11.78 30.62
N VAL A 310 6.93 -12.24 31.37
CA VAL A 310 5.69 -11.48 31.55
C VAL A 310 5.96 -10.16 32.25
N VAL A 311 6.71 -10.20 33.35
CA VAL A 311 7.04 -8.98 34.09
C VAL A 311 7.83 -7.98 33.25
N VAL A 312 8.85 -8.44 32.53
CA VAL A 312 9.56 -7.58 31.58
C VAL A 312 8.61 -6.97 30.53
N SER A 313 7.78 -7.81 29.93
CA SER A 313 6.91 -7.39 28.84
C SER A 313 5.81 -6.43 29.29
N ALA A 314 5.31 -6.66 30.51
CA ALA A 314 4.22 -5.84 31.05
C ALA A 314 4.67 -4.51 31.59
N TYR A 315 5.85 -4.48 32.21
CA TYR A 315 6.23 -3.32 33.02
C TYR A 315 7.44 -2.55 32.50
N GLY A 316 8.12 -3.07 31.47
CA GLY A 316 9.22 -2.34 30.85
C GLY A 316 8.70 -1.00 30.34
N PHE A 317 9.45 0.05 30.62
CA PHE A 317 9.00 1.43 30.33
C PHE A 317 7.55 1.69 30.77
N GLN A 318 7.23 1.15 31.95
CA GLN A 318 5.98 1.43 32.62
C GLN A 318 4.77 0.98 31.79
N GLY A 319 4.98 -0.04 30.94
CA GLY A 319 3.89 -0.54 30.08
C GLY A 319 3.52 0.37 28.94
N GLN A 320 4.32 1.40 28.72
CA GLN A 320 4.05 2.40 27.68
C GLN A 320 4.63 1.98 26.35
N LYS A 321 4.30 0.76 25.93
CA LYS A 321 4.77 0.23 24.66
C LYS A 321 3.63 -0.35 23.86
N CYS A 322 3.65 -0.13 22.56
CA CYS A 322 2.63 -0.71 21.69
C CYS A 322 2.71 -2.23 21.72
N SER A 323 3.88 -2.73 22.12
CA SER A 323 4.19 -4.16 22.22
C SER A 323 4.00 -4.76 23.61
N ALA A 324 3.69 -3.93 24.61
CA ALA A 324 3.65 -4.37 26.02
C ALA A 324 2.62 -5.46 26.26
N ALA A 325 2.97 -6.45 27.07
CA ALA A 325 1.96 -7.42 27.50
C ALA A 325 1.01 -6.73 28.46
N SER A 326 -0.23 -6.48 28.00
CA SER A 326 -1.29 -5.96 28.86
C SER A 326 -2.31 -7.05 29.21
N ARG A 327 -2.20 -8.21 28.58
CA ARG A 327 -3.02 -9.36 28.92
C ARG A 327 -2.15 -10.57 29.20
N LEU A 328 -2.50 -11.31 30.26
CA LEU A 328 -1.84 -12.58 30.57
C LEU A 328 -2.93 -13.63 30.58
N ILE A 329 -2.87 -14.56 29.63
CA ILE A 329 -3.92 -15.55 29.46
C ILE A 329 -3.38 -16.87 29.94
N LEU A 330 -3.98 -17.42 31.00
CA LEU A 330 -3.42 -18.59 31.66
C LEU A 330 -4.41 -19.74 31.58
N THR A 331 -3.95 -20.89 31.06
CA THR A 331 -4.78 -22.09 31.07
C THR A 331 -4.96 -22.54 32.53
N GLN A 332 -5.96 -23.39 32.77
CA GLN A 332 -6.31 -23.73 34.15
C GLN A 332 -5.10 -24.26 34.96
N GLY A 333 -4.33 -25.18 34.37
CA GLY A 333 -3.16 -25.73 35.04
C GLY A 333 -2.02 -24.75 35.27
N ALA A 334 -1.98 -23.69 34.47
CA ALA A 334 -0.94 -22.67 34.63
C ALA A 334 -1.33 -21.52 35.56
N TYR A 335 -2.62 -21.39 35.85
CA TYR A 335 -3.14 -20.17 36.50
C TYR A 335 -2.46 -19.85 37.82
N GLU A 336 -2.61 -20.73 38.81
CA GLU A 336 -2.04 -20.46 40.13
C GLU A 336 -0.50 -20.35 40.10
N PRO A 337 0.19 -21.36 39.51
CA PRO A 337 1.66 -21.32 39.53
C PRO A 337 2.22 -20.05 38.87
N VAL A 338 1.66 -19.65 37.73
CA VAL A 338 2.18 -18.46 37.04
C VAL A 338 1.80 -17.14 37.73
N LEU A 339 0.54 -17.01 38.12
CA LEU A 339 0.09 -15.79 38.79
C LEU A 339 0.88 -15.53 40.06
N GLU A 340 1.09 -16.57 40.87
CA GLU A 340 1.82 -16.37 42.12
C GLU A 340 3.25 -15.90 41.85
N ARG A 341 3.88 -16.47 40.83
CA ARG A 341 5.24 -16.07 40.47
C ARG A 341 5.30 -14.65 39.90
N VAL A 342 4.29 -14.30 39.10
CA VAL A 342 4.21 -12.95 38.53
C VAL A 342 4.00 -11.92 39.64
N LEU A 343 3.13 -12.24 40.60
CA LEU A 343 2.88 -11.31 41.71
C LEU A 343 4.12 -11.09 42.57
N LYS A 344 4.83 -12.18 42.85
CA LYS A 344 6.05 -12.13 43.65
C LYS A 344 7.14 -11.29 42.99
N ARG A 345 7.30 -11.47 41.68
CA ARG A 345 8.29 -10.71 40.93
C ARG A 345 7.90 -9.25 40.83
N ALA A 346 6.62 -9.00 40.55
CA ALA A 346 6.14 -7.64 40.32
C ALA A 346 6.14 -6.79 41.58
N GLU A 347 5.90 -7.41 42.73
CA GLU A 347 5.86 -6.64 43.97
C GLU A 347 7.25 -6.15 44.39
N ARG A 348 8.29 -6.70 43.77
CA ARG A 348 9.70 -6.37 44.06
C ARG A 348 10.25 -5.25 43.16
N LEU A 349 9.46 -4.84 42.17
CA LEU A 349 9.89 -3.81 41.23
C LEU A 349 10.01 -2.44 41.91
N SER A 350 11.12 -1.76 41.65
CA SER A 350 11.31 -0.41 42.17
C SER A 350 10.66 0.62 41.26
N VAL A 351 10.19 1.71 41.84
CA VAL A 351 9.58 2.81 41.11
C VAL A 351 10.15 4.10 41.66
N GLY A 352 10.69 4.94 40.78
CA GLY A 352 11.23 6.21 41.22
C GLY A 352 11.72 7.05 40.06
N PRO A 353 12.40 8.17 40.36
CA PRO A 353 12.91 9.03 39.31
C PRO A 353 13.78 8.25 38.33
N ALA A 354 13.54 8.46 37.03
CA ALA A 354 14.23 7.69 35.99
C ALA A 354 15.75 7.79 36.09
N GLU A 355 16.27 8.95 36.51
CA GLU A 355 17.73 9.10 36.67
C GLU A 355 18.37 8.06 37.61
N GLU A 356 17.58 7.55 38.57
CA GLU A 356 18.04 6.58 39.57
C GLU A 356 18.14 5.16 39.01
N ASN A 357 17.80 5.02 37.73
CA ASN A 357 17.74 3.71 37.07
C ASN A 357 16.84 2.72 37.82
N PRO A 358 15.58 3.11 38.09
CA PRO A 358 14.68 2.19 38.77
C PRO A 358 14.17 1.17 37.77
N ASP A 359 13.45 0.17 38.28
CA ASP A 359 12.73 -0.76 37.40
C ASP A 359 11.69 -0.04 36.56
N LEU A 360 10.96 0.88 37.18
CA LEU A 360 9.96 1.73 36.52
C LEU A 360 10.22 3.18 36.90
N GLY A 361 10.26 4.05 35.90
CA GLY A 361 10.19 5.50 36.12
C GLY A 361 8.74 5.92 36.17
N PRO A 362 8.46 7.21 35.91
CA PRO A 362 7.08 7.73 35.91
C PRO A 362 6.41 7.46 34.57
N VAL A 363 5.09 7.54 34.51
CA VAL A 363 4.44 7.66 33.19
C VAL A 363 4.71 9.07 32.66
N VAL A 364 4.40 9.31 31.39
CA VAL A 364 5.08 10.41 30.68
C VAL A 364 4.55 11.81 30.99
N SER A 365 3.30 11.89 31.44
CA SER A 365 2.65 13.19 31.62
C SER A 365 1.48 13.12 32.57
N ALA A 366 1.01 14.29 32.99
CA ALA A 366 -0.15 14.37 33.85
C ALA A 366 -1.38 13.75 33.20
N GLU A 367 -1.56 14.01 31.91
CA GLU A 367 -2.72 13.45 31.21
C GLU A 367 -2.63 11.94 31.07
N GLN A 368 -1.43 11.42 30.78
CA GLN A 368 -1.27 9.97 30.77
C GLN A 368 -1.54 9.37 32.14
N GLU A 369 -1.04 10.01 33.20
CA GLU A 369 -1.33 9.57 34.55
C GLU A 369 -2.83 9.52 34.82
N ARG A 370 -3.52 10.59 34.44
CA ARG A 370 -4.96 10.67 34.63
C ARG A 370 -5.68 9.52 33.92
N LYS A 371 -5.25 9.23 32.69
CA LYS A 371 -5.90 8.17 31.90
C LYS A 371 -5.66 6.79 32.51
N VAL A 372 -4.42 6.52 32.89
CA VAL A 372 -4.10 5.23 33.51
C VAL A 372 -4.84 5.04 34.83
N LEU A 373 -4.90 6.08 35.65
CA LEU A 373 -5.63 6.00 36.92
C LEU A 373 -7.12 5.79 36.68
N SER A 374 -7.65 6.42 35.64
CA SER A 374 -9.05 6.25 35.25
C SER A 374 -9.35 4.79 34.89
N TYR A 375 -8.48 4.18 34.09
CA TYR A 375 -8.64 2.78 33.72
C TYR A 375 -8.52 1.83 34.92
N ILE A 376 -7.70 2.22 35.89
CA ILE A 376 -7.62 1.44 37.13
C ILE A 376 -8.97 1.48 37.88
N GLU A 377 -9.62 2.64 37.89
CA GLU A 377 -10.96 2.74 38.49
C GLU A 377 -11.99 1.89 37.75
N ILE A 378 -11.94 1.94 36.43
CA ILE A 378 -12.80 1.09 35.62
C ILE A 378 -12.55 -0.38 35.94
N GLY A 379 -11.27 -0.75 36.02
CA GLY A 379 -10.86 -2.13 36.25
C GLY A 379 -11.35 -2.70 37.57
N LYS A 380 -11.40 -1.85 38.59
CA LYS A 380 -11.88 -2.26 39.90
C LYS A 380 -13.31 -2.79 39.89
N ASN A 381 -14.09 -2.36 38.89
CA ASN A 381 -15.46 -2.85 38.75
C ASN A 381 -15.64 -3.90 37.66
N GLU A 382 -14.52 -4.39 37.12
CA GLU A 382 -14.54 -5.39 36.05
C GLU A 382 -13.86 -6.68 36.48
N GLY A 383 -12.70 -6.54 37.11
CA GLY A 383 -11.91 -7.68 37.58
C GLY A 383 -11.55 -7.53 39.05
N GLN A 384 -10.61 -8.36 39.51
CA GLN A 384 -10.20 -8.33 40.90
C GLN A 384 -8.80 -7.75 41.01
N LEU A 385 -8.67 -6.59 41.65
CA LEU A 385 -7.37 -5.98 41.88
C LEU A 385 -6.58 -6.81 42.87
N VAL A 386 -5.41 -7.29 42.46
CA VAL A 386 -4.55 -8.11 43.33
C VAL A 386 -3.15 -7.54 43.59
N LEU A 387 -2.82 -6.44 42.92
CA LEU A 387 -1.55 -5.75 43.18
C LEU A 387 -1.59 -4.31 42.68
N GLY A 388 -1.04 -3.40 43.47
CA GLY A 388 -0.88 -2.00 43.04
C GLY A 388 -2.20 -1.26 42.92
N GLY A 389 -2.37 -0.57 41.80
CA GLY A 389 -3.60 0.17 41.51
C GLY A 389 -3.62 1.57 42.09
N LYS A 390 -2.44 2.09 42.43
CA LYS A 390 -2.35 3.40 43.07
C LYS A 390 -1.25 4.27 42.48
N ARG A 391 -1.49 5.58 42.50
CA ARG A 391 -0.42 6.55 42.35
C ARG A 391 0.45 6.48 43.59
N LEU A 392 1.75 6.62 43.41
CA LEU A 392 2.67 6.63 44.53
C LEU A 392 2.97 8.08 44.91
N GLU A 393 3.59 8.26 46.07
CA GLU A 393 3.91 9.60 46.58
C GLU A 393 5.01 10.25 45.74
N GLY A 394 4.90 11.57 45.57
CA GLY A 394 5.91 12.32 44.82
C GLY A 394 5.33 13.22 43.72
N GLU A 395 6.11 14.23 43.35
CA GLU A 395 5.73 15.16 42.29
C GLU A 395 5.64 14.45 40.94
N GLY A 396 6.57 13.53 40.70
CA GLY A 396 6.60 12.74 39.46
C GLY A 396 5.39 11.87 39.26
N TYR A 397 5.12 11.48 38.02
CA TYR A 397 3.91 10.74 37.70
C TYR A 397 4.09 9.24 37.93
N PHE A 398 4.28 8.86 39.20
CA PHE A 398 4.60 7.49 39.57
C PHE A 398 3.37 6.65 39.86
N ILE A 399 3.23 5.55 39.12
CA ILE A 399 2.14 4.62 39.29
C ILE A 399 2.74 3.23 39.60
N ALA A 400 2.16 2.55 40.59
CA ALA A 400 2.62 1.24 41.01
C ALA A 400 2.28 0.20 39.95
N PRO A 401 3.16 -0.80 39.76
CA PRO A 401 2.82 -1.95 38.93
C PRO A 401 1.50 -2.53 39.41
N THR A 402 0.59 -2.75 38.47
CA THR A 402 -0.80 -3.10 38.80
C THR A 402 -1.23 -4.39 38.13
N VAL A 403 -1.94 -5.24 38.88
CA VAL A 403 -2.44 -6.52 38.36
C VAL A 403 -3.91 -6.68 38.72
N PHE A 404 -4.73 -6.95 37.70
CA PHE A 404 -6.12 -7.40 37.90
C PHE A 404 -6.19 -8.85 37.47
N THR A 405 -6.94 -9.66 38.21
CA THR A 405 -7.16 -11.06 37.83
C THR A 405 -8.64 -11.40 37.69
N GLU A 406 -8.92 -12.61 37.20
CA GLU A 406 -10.28 -13.06 36.88
C GLU A 406 -10.99 -12.04 35.99
N VAL A 407 -10.25 -11.48 35.04
CA VAL A 407 -10.78 -10.44 34.18
C VAL A 407 -11.60 -11.08 33.05
N PRO A 408 -12.87 -10.64 32.86
CA PRO A 408 -13.64 -11.10 31.69
C PRO A 408 -12.96 -10.66 30.39
N PRO A 409 -12.84 -11.58 29.42
CA PRO A 409 -12.19 -11.25 28.14
C PRO A 409 -12.74 -10.00 27.44
N LYS A 410 -14.02 -9.70 27.67
CA LYS A 410 -14.65 -8.55 27.02
C LYS A 410 -14.72 -7.30 27.91
N ALA A 411 -14.12 -7.37 29.10
CA ALA A 411 -14.02 -6.19 29.96
C ALA A 411 -13.26 -5.08 29.23
N ARG A 412 -13.58 -3.83 29.57
CA ARG A 412 -12.84 -2.70 29.01
C ARG A 412 -11.33 -2.82 29.21
N ILE A 413 -10.90 -3.24 30.39
CA ILE A 413 -9.46 -3.35 30.67
C ILE A 413 -8.83 -4.54 29.95
N ALA A 414 -9.65 -5.43 29.40
CA ALA A 414 -9.15 -6.53 28.56
C ALA A 414 -9.24 -6.26 27.05
N GLN A 415 -9.76 -5.08 26.68
CA GLN A 415 -9.99 -4.75 25.27
C GLN A 415 -9.31 -3.46 24.84
N GLU A 416 -9.23 -2.49 25.75
CA GLU A 416 -8.80 -1.14 25.42
C GLU A 416 -7.36 -0.93 25.85
N GLU A 417 -6.61 -0.22 25.02
CA GLU A 417 -5.19 0.01 25.29
C GLU A 417 -5.00 1.06 26.39
N ILE A 418 -4.52 0.60 27.54
CA ILE A 418 -4.33 1.46 28.71
C ILE A 418 -3.01 2.21 28.66
N PHE A 419 -1.98 1.55 28.15
CA PHE A 419 -0.66 2.20 27.96
C PHE A 419 -0.03 2.67 29.28
N GLY A 420 -0.16 1.83 30.30
CA GLY A 420 0.47 2.03 31.61
C GLY A 420 0.79 0.70 32.24
N PRO A 421 1.28 0.73 33.49
CA PRO A 421 1.76 -0.49 34.13
C PRO A 421 0.60 -1.31 34.72
N VAL A 422 -0.30 -1.77 33.83
CA VAL A 422 -1.55 -2.43 34.25
C VAL A 422 -1.74 -3.72 33.46
N LEU A 423 -1.63 -4.84 34.17
CA LEU A 423 -1.75 -6.17 33.55
C LEU A 423 -3.10 -6.78 33.91
N SER A 424 -3.81 -7.28 32.90
CA SER A 424 -5.08 -7.99 33.11
C SER A 424 -4.88 -9.48 32.89
N VAL A 425 -5.21 -10.28 33.91
CA VAL A 425 -5.00 -11.73 33.90
C VAL A 425 -6.34 -12.41 33.68
N ILE A 426 -6.36 -13.30 32.68
CA ILE A 426 -7.59 -13.94 32.20
C ILE A 426 -7.38 -15.44 32.33
N ARG A 427 -8.30 -16.14 33.00
CA ARG A 427 -8.19 -17.58 33.21
C ARG A 427 -9.05 -18.32 32.20
N VAL A 428 -8.45 -19.28 31.50
CA VAL A 428 -9.15 -20.00 30.44
C VAL A 428 -8.95 -21.50 30.66
N LYS A 429 -9.76 -22.32 30.00
CA LYS A 429 -9.72 -23.76 30.25
C LYS A 429 -8.47 -24.42 29.67
N ASP A 430 -8.22 -24.15 28.39
CA ASP A 430 -7.18 -24.87 27.67
C ASP A 430 -6.59 -23.98 26.59
N PHE A 431 -5.70 -24.55 25.80
CA PHE A 431 -4.98 -23.78 24.81
C PHE A 431 -5.86 -23.24 23.69
N ALA A 432 -6.86 -24.02 23.29
CA ALA A 432 -7.83 -23.57 22.28
C ALA A 432 -8.55 -22.31 22.75
N GLU A 433 -9.02 -22.33 24.00
CA GLU A 433 -9.69 -21.16 24.54
C GLU A 433 -8.72 -19.99 24.70
N ALA A 434 -7.48 -20.30 25.06
CA ALA A 434 -6.43 -19.27 25.15
C ALA A 434 -6.27 -18.51 23.82
N LEU A 435 -6.19 -19.25 22.73
CA LEU A 435 -6.08 -18.65 21.40
C LEU A 435 -7.31 -17.82 21.02
N GLU A 436 -8.49 -18.34 21.35
CA GLU A 436 -9.75 -17.62 21.09
C GLU A 436 -9.75 -16.26 21.80
N VAL A 437 -9.44 -16.29 23.09
CA VAL A 437 -9.34 -15.06 23.87
C VAL A 437 -8.23 -14.15 23.32
N ALA A 438 -7.06 -14.72 23.01
CA ALA A 438 -5.96 -13.90 22.49
C ALA A 438 -6.37 -13.15 21.21
N ASN A 439 -7.09 -13.85 20.32
CA ASN A 439 -7.52 -13.29 19.05
C ASN A 439 -8.70 -12.32 19.14
N ASP A 440 -9.49 -12.44 20.20
CA ASP A 440 -10.73 -11.66 20.31
C ASP A 440 -10.49 -10.26 20.89
N THR A 441 -9.77 -9.45 20.13
CA THR A 441 -9.67 -8.00 20.38
C THR A 441 -9.65 -7.33 19.02
N PRO A 442 -9.79 -5.99 18.98
CA PRO A 442 -9.72 -5.28 17.68
C PRO A 442 -8.30 -5.18 17.11
N TYR A 443 -7.33 -5.57 17.93
CA TYR A 443 -5.90 -5.36 17.63
C TYR A 443 -5.19 -6.64 17.18
N GLY A 444 -3.91 -6.50 16.83
CA GLY A 444 -3.15 -7.63 16.31
C GLY A 444 -1.68 -7.31 16.17
N LEU A 445 -1.09 -6.75 17.22
CA LEU A 445 0.29 -6.31 17.14
C LEU A 445 1.32 -7.34 17.60
N THR A 446 1.46 -7.54 18.91
CA THR A 446 2.38 -8.53 19.44
C THR A 446 1.65 -9.56 20.28
N GLY A 447 2.31 -10.69 20.48
CA GLY A 447 1.75 -11.76 21.30
C GLY A 447 2.88 -12.69 21.67
N GLY A 448 2.66 -13.47 22.70
CA GLY A 448 3.62 -14.50 23.08
C GLY A 448 2.96 -15.76 23.59
N VAL A 449 3.73 -16.85 23.55
CA VAL A 449 3.34 -18.11 24.15
C VAL A 449 4.51 -18.68 24.92
N TYR A 450 4.28 -19.00 26.19
CA TYR A 450 5.20 -19.86 26.95
C TYR A 450 4.59 -21.24 27.01
N SER A 451 5.32 -22.21 26.46
CA SER A 451 4.88 -23.60 26.37
C SER A 451 6.06 -24.45 25.93
N ARG A 452 6.12 -25.69 26.42
CA ARG A 452 7.09 -26.65 25.92
C ARG A 452 6.47 -27.57 24.87
N LYS A 453 5.15 -27.49 24.68
CA LYS A 453 4.46 -28.41 23.79
C LYS A 453 4.58 -27.94 22.34
N ARG A 454 5.28 -28.72 21.52
CA ARG A 454 5.55 -28.30 20.14
C ARG A 454 4.28 -27.99 19.36
N GLU A 455 3.25 -28.81 19.58
CA GLU A 455 2.02 -28.70 18.83
C GLU A 455 1.29 -27.40 19.18
N HIS A 456 1.43 -26.96 20.42
CA HIS A 456 0.83 -25.69 20.85
C HIS A 456 1.58 -24.52 20.22
N LEU A 457 2.91 -24.58 20.25
CA LEU A 457 3.70 -23.52 19.59
C LEU A 457 3.41 -23.42 18.11
N GLU A 458 3.41 -24.55 17.41
CA GLU A 458 3.19 -24.49 15.96
C GLU A 458 1.75 -24.11 15.60
N TRP A 459 0.80 -24.53 16.42
CA TRP A 459 -0.59 -24.08 16.30
C TRP A 459 -0.66 -22.54 16.42
N ALA A 460 -0.02 -21.99 17.44
CA ALA A 460 0.03 -20.53 17.60
C ALA A 460 0.72 -19.83 16.42
N ARG A 461 1.77 -20.45 15.88
CA ARG A 461 2.44 -19.89 14.70
C ARG A 461 1.43 -19.68 13.57
N ARG A 462 0.49 -20.62 13.44
CA ARG A 462 -0.54 -20.60 12.39
C ARG A 462 -1.75 -19.73 12.74
N GLU A 463 -2.09 -19.67 14.02
CA GLU A 463 -3.43 -19.15 14.39
C GLU A 463 -3.48 -18.01 15.42
N PHE A 464 -2.37 -17.70 16.07
CA PHE A 464 -2.33 -16.56 16.99
C PHE A 464 -2.12 -15.32 16.13
N HIS A 465 -3.18 -14.58 15.87
CA HIS A 465 -3.19 -13.61 14.75
C HIS A 465 -2.64 -12.23 15.13
N VAL A 466 -1.31 -12.19 15.26
CA VAL A 466 -0.58 -10.97 15.56
C VAL A 466 0.59 -10.86 14.60
N GLY A 467 1.03 -9.63 14.34
CA GLY A 467 2.12 -9.43 13.37
C GLY A 467 3.48 -9.84 13.90
N ASN A 468 3.65 -9.79 15.22
CA ASN A 468 4.91 -10.16 15.87
C ASN A 468 4.66 -11.08 17.02
N LEU A 469 5.04 -12.35 16.86
CA LEU A 469 4.74 -13.41 17.81
C LEU A 469 6.05 -13.97 18.34
N TYR A 470 6.08 -14.25 19.65
CA TYR A 470 7.33 -14.69 20.30
C TYR A 470 7.06 -15.88 21.20
N PHE A 471 7.92 -16.89 21.12
CA PHE A 471 7.75 -18.10 21.91
C PHE A 471 8.85 -18.22 22.96
N ASN A 472 8.43 -18.35 24.21
CA ASN A 472 9.34 -18.58 25.35
C ASN A 472 10.36 -17.46 25.55
N ARG A 473 9.90 -16.23 25.33
CA ARG A 473 10.68 -15.04 25.57
C ARG A 473 9.74 -13.84 25.62
N LYS A 474 10.30 -12.69 26.00
CA LYS A 474 9.55 -11.43 26.08
C LYS A 474 8.93 -11.05 24.71
N ILE A 475 7.87 -10.25 24.74
CA ILE A 475 7.17 -9.86 23.50
C ILE A 475 7.46 -8.44 23.07
N THR A 476 8.30 -7.75 23.83
CA THR A 476 8.73 -6.40 23.51
C THR A 476 10.14 -6.41 22.90
N GLY A 477 10.57 -5.25 22.41
CA GLY A 477 11.94 -5.08 21.96
C GLY A 477 12.32 -5.77 20.66
N ALA A 478 11.39 -5.76 19.70
CA ALA A 478 11.69 -6.29 18.35
C ALA A 478 12.95 -5.63 17.83
N LEU A 479 13.86 -6.44 17.30
CA LEU A 479 15.12 -5.92 16.78
C LEU A 479 15.03 -5.66 15.29
N VAL A 480 15.51 -4.49 14.88
CA VAL A 480 15.58 -4.13 13.47
C VAL A 480 16.31 -5.24 12.69
N GLY A 481 15.72 -5.61 11.56
CA GLY A 481 16.32 -6.64 10.71
C GLY A 481 15.90 -8.05 11.09
N VAL A 482 15.89 -8.31 12.41
CA VAL A 482 15.63 -9.65 12.94
C VAL A 482 14.13 -9.96 12.94
N GLN A 483 13.36 -9.01 13.46
CA GLN A 483 11.91 -9.16 13.60
C GLN A 483 11.18 -7.99 12.93
N PRO A 484 10.89 -8.13 11.63
CA PRO A 484 10.08 -7.10 10.95
C PRO A 484 8.89 -6.72 11.84
N PHE A 485 8.73 -5.43 12.11
CA PHE A 485 7.77 -5.01 13.15
C PHE A 485 6.53 -4.30 12.60
N GLY A 486 5.36 -4.81 12.97
CA GLY A 486 4.09 -4.22 12.52
C GLY A 486 2.97 -5.25 12.62
N GLY A 487 1.75 -4.74 12.76
CA GLY A 487 0.63 -5.59 13.14
C GLY A 487 -0.47 -5.79 12.13
N PHE A 488 -1.52 -6.44 12.62
CA PHE A 488 -2.72 -6.74 11.86
C PHE A 488 -3.89 -5.98 12.43
N LYS A 489 -5.00 -5.99 11.70
CA LYS A 489 -6.27 -5.49 12.24
C LYS A 489 -6.10 -4.04 12.65
N LEU A 490 -6.67 -3.62 13.79
CA LEU A 490 -6.59 -2.19 14.12
C LEU A 490 -5.27 -1.78 14.79
N SER A 491 -4.26 -2.65 14.71
CA SER A 491 -2.90 -2.28 15.06
C SER A 491 -2.17 -1.61 13.88
N GLY A 492 -2.86 -1.47 12.75
CA GLY A 492 -2.35 -0.60 11.71
C GLY A 492 -2.34 -1.21 10.31
N THR A 493 -1.50 -0.63 9.46
CA THR A 493 -1.44 -1.02 8.05
C THR A 493 -0.37 -2.09 7.71
N ASN A 494 0.28 -2.66 8.73
CA ASN A 494 1.29 -3.71 8.54
C ASN A 494 2.51 -3.21 7.78
N ALA A 495 2.85 -1.94 7.96
CA ALA A 495 4.11 -1.42 7.42
C ALA A 495 5.20 -2.00 8.31
N LYS A 496 5.97 -2.95 7.78
CA LYS A 496 6.93 -3.68 8.60
C LYS A 496 8.24 -2.89 8.70
N THR A 497 8.44 -2.25 9.84
CA THR A 497 9.68 -1.51 10.05
C THR A 497 10.85 -2.47 10.21
N GLY A 498 12.05 -2.01 9.86
CA GLY A 498 13.26 -2.84 9.99
C GLY A 498 13.25 -4.06 9.09
N ALA A 499 12.59 -3.91 7.94
CA ALA A 499 12.47 -4.97 6.96
C ALA A 499 12.64 -4.37 5.58
N LEU A 500 13.12 -5.21 4.65
CA LEU A 500 13.35 -4.78 3.27
C LEU A 500 12.09 -4.16 2.67
N ASP A 501 10.93 -4.77 2.96
CA ASP A 501 9.65 -4.32 2.43
C ASP A 501 9.28 -2.88 2.81
N TYR A 502 9.82 -2.37 3.92
CA TYR A 502 9.44 -1.04 4.39
C TYR A 502 9.68 0.03 3.31
N LEU A 503 10.81 -0.06 2.63
CA LEU A 503 11.20 1.01 1.71
C LEU A 503 10.32 1.04 0.46
N ARG A 504 9.78 -0.12 0.08
CA ARG A 504 8.92 -0.22 -1.09
C ARG A 504 7.68 0.67 -0.93
N LEU A 505 7.28 0.88 0.33
CA LEU A 505 6.12 1.71 0.64
C LEU A 505 6.31 3.16 0.18
N PHE A 506 7.56 3.56 0.01
CA PHE A 506 7.89 4.95 -0.30
C PHE A 506 8.44 5.15 -1.71
N LEU A 507 8.09 4.18 -2.57
CA LEU A 507 8.49 4.16 -3.97
C LEU A 507 7.29 3.88 -4.86
N GLU A 508 7.38 4.37 -6.09
CA GLU A 508 6.47 3.96 -7.17
C GLU A 508 7.32 3.47 -8.34
N MET A 509 6.68 2.76 -9.26
CA MET A 509 7.42 2.10 -10.33
C MET A 509 7.11 2.72 -11.68
N LYS A 510 8.15 2.93 -12.48
CA LYS A 510 7.99 3.35 -13.88
C LYS A 510 8.50 2.22 -14.78
N ALA A 511 7.82 2.02 -15.92
CA ALA A 511 8.26 1.03 -16.90
C ALA A 511 8.48 1.74 -18.21
N VAL A 512 9.70 1.65 -18.75
CA VAL A 512 10.06 2.36 -20.00
C VAL A 512 10.56 1.37 -21.06
N ALA A 513 9.88 1.37 -22.21
CA ALA A 513 10.22 0.49 -23.34
C ALA A 513 10.77 1.31 -24.49
N GLU A 514 11.88 0.88 -25.06
CA GLU A 514 12.34 1.44 -26.34
C GLU A 514 12.33 0.34 -27.41
N ARG A 515 11.61 0.59 -28.50
CA ARG A 515 11.66 -0.30 -29.66
C ARG A 515 12.76 0.20 -30.59
N PHE A 516 13.77 -0.62 -30.83
CA PHE A 516 14.92 -0.15 -31.60
C PHE A 516 14.69 -0.12 -33.10
N MET B 1 6.64 -27.21 -7.79
N MET B 1 7.17 -27.06 -7.52
CA MET B 1 6.07 -26.89 -9.14
CA MET B 1 6.63 -27.40 -8.87
C MET B 1 7.13 -26.39 -10.13
C MET B 1 7.47 -26.76 -9.97
N THR B 2 7.39 -27.20 -11.16
N THR B 2 7.50 -27.37 -11.16
CA THR B 2 8.29 -26.78 -12.23
CA THR B 2 8.30 -26.81 -12.24
C THR B 2 7.56 -26.80 -13.58
N VAL B 3 7.42 -25.60 -14.14
CA VAL B 3 6.76 -25.38 -15.41
C VAL B 3 7.75 -24.63 -16.31
N GLU B 4 7.45 -24.56 -17.60
CA GLU B 4 8.31 -23.80 -18.52
C GLU B 4 8.37 -22.34 -18.06
N PRO B 5 9.49 -21.68 -18.33
CA PRO B 5 9.55 -20.23 -18.07
C PRO B 5 8.39 -19.51 -18.74
N PHE B 6 7.89 -18.47 -18.09
CA PHE B 6 6.78 -17.69 -18.62
C PHE B 6 7.09 -17.18 -20.02
N ARG B 7 6.12 -17.33 -20.94
CA ARG B 7 6.10 -16.63 -22.22
C ARG B 7 4.70 -16.04 -22.43
N ASN B 8 4.63 -14.92 -23.14
CA ASN B 8 3.33 -14.33 -23.47
C ASN B 8 2.60 -15.16 -24.50
N GLU B 9 1.27 -15.26 -24.33
CA GLU B 9 0.41 -15.95 -25.27
C GLU B 9 0.44 -15.18 -26.59
N PRO B 10 0.77 -15.85 -27.69
CA PRO B 10 0.74 -15.15 -28.96
C PRO B 10 -0.63 -14.55 -29.29
N ILE B 11 -0.61 -13.33 -29.82
CA ILE B 11 -1.83 -12.63 -30.24
C ILE B 11 -2.12 -13.02 -31.68
N GLU B 12 -3.30 -13.58 -31.92
CA GLU B 12 -3.66 -14.05 -33.25
C GLU B 12 -3.86 -12.86 -34.20
N THR B 13 -3.27 -12.96 -35.39
CA THR B 13 -3.38 -11.92 -36.43
C THR B 13 -4.40 -12.28 -37.51
N PHE B 14 -4.80 -13.55 -37.57
CA PHE B 14 -5.80 -14.05 -38.54
C PHE B 14 -5.33 -13.94 -39.99
N GLN B 15 -4.03 -14.13 -40.20
CA GLN B 15 -3.43 -14.07 -41.52
C GLN B 15 -3.59 -15.40 -42.27
N THR B 16 -3.80 -16.48 -41.53
CA THR B 16 -4.04 -17.80 -42.14
C THR B 16 -5.51 -18.06 -42.38
N GLU B 17 -5.80 -18.92 -43.35
CA GLU B 17 -7.18 -19.32 -43.63
C GLU B 17 -7.76 -20.08 -42.44
N GLU B 18 -6.95 -20.93 -41.81
CA GLU B 18 -7.40 -21.70 -40.65
C GLU B 18 -7.87 -20.81 -39.51
N ALA B 19 -7.12 -19.75 -39.24
CA ALA B 19 -7.48 -18.81 -38.17
C ALA B 19 -8.78 -18.10 -38.46
N ARG B 20 -8.97 -17.68 -39.71
CA ARG B 20 -10.19 -17.00 -40.13
C ARG B 20 -11.40 -17.95 -40.06
N ARG B 21 -11.21 -19.19 -40.54
CA ARG B 21 -12.23 -20.23 -40.43
C ARG B 21 -12.61 -20.49 -38.97
N ALA B 22 -11.59 -20.62 -38.10
CA ALA B 22 -11.82 -20.86 -36.68
C ALA B 22 -12.60 -19.71 -36.05
N MET B 23 -12.28 -18.49 -36.44
CA MET B 23 -13.01 -17.32 -35.94
C MET B 23 -14.47 -17.29 -36.40
N ARG B 24 -14.69 -17.51 -37.70
CA ARG B 24 -16.07 -17.55 -38.23
C ARG B 24 -16.91 -18.62 -37.50
N GLU B 25 -16.30 -19.76 -37.22
CA GLU B 25 -16.95 -20.85 -36.48
C GLU B 25 -17.33 -20.40 -35.07
N ALA B 26 -16.40 -19.73 -34.39
CA ALA B 26 -16.65 -19.24 -33.05
C ALA B 26 -17.72 -18.12 -33.03
N LEU B 27 -17.67 -17.22 -34.00
CA LEU B 27 -18.70 -16.18 -34.11
C LEU B 27 -20.07 -16.81 -34.28
N ARG B 28 -20.15 -17.87 -35.08
CA ARG B 28 -21.42 -18.56 -35.29
C ARG B 28 -21.93 -19.22 -34.02
N ARG B 29 -21.06 -19.94 -33.33
CA ARG B 29 -21.43 -20.56 -32.06
C ARG B 29 -21.93 -19.54 -31.03
N VAL B 30 -21.21 -18.42 -30.91
CA VAL B 30 -21.55 -17.40 -29.93
C VAL B 30 -22.93 -16.79 -30.22
N ARG B 31 -23.20 -16.45 -31.48
CA ARG B 31 -24.48 -15.82 -31.82
C ARG B 31 -25.65 -16.80 -31.73
N GLU B 32 -25.39 -18.08 -31.97
CA GLU B 32 -26.43 -19.11 -31.76
C GLU B 32 -26.83 -19.19 -30.30
N GLU B 33 -25.95 -18.69 -29.41
CA GLU B 33 -26.18 -18.71 -27.96
C GLU B 33 -26.62 -17.35 -27.38
N PHE B 34 -26.95 -16.38 -28.24
CA PHE B 34 -27.43 -15.07 -27.78
C PHE B 34 -28.61 -15.15 -26.80
N GLY B 35 -29.41 -16.22 -26.90
CA GLY B 35 -30.55 -16.40 -26.00
C GLY B 35 -30.20 -16.80 -24.56
N ARG B 36 -28.95 -17.15 -24.31
CA ARG B 36 -28.56 -17.70 -23.00
C ARG B 36 -28.71 -16.74 -21.83
N HIS B 37 -29.08 -17.31 -20.68
CA HIS B 37 -29.13 -16.60 -19.41
C HIS B 37 -28.06 -17.18 -18.48
N TYR B 38 -27.28 -16.30 -17.85
CA TYR B 38 -26.18 -16.73 -16.98
C TYR B 38 -26.47 -16.29 -15.55
N PRO B 39 -26.61 -17.25 -14.62
CA PRO B 39 -26.86 -16.86 -13.23
C PRO B 39 -25.64 -16.25 -12.53
N LEU B 40 -25.83 -15.82 -11.29
CA LEU B 40 -24.71 -15.51 -10.40
C LEU B 40 -23.93 -16.79 -10.10
N TYR B 41 -22.71 -16.65 -9.61
CA TYR B 41 -21.95 -17.81 -9.18
C TYR B 41 -21.51 -17.54 -7.74
N ILE B 42 -22.08 -18.29 -6.80
CA ILE B 42 -21.83 -18.08 -5.37
C ILE B 42 -21.61 -19.41 -4.68
N GLY B 43 -20.51 -19.52 -3.94
CA GLY B 43 -20.24 -20.72 -3.18
C GLY B 43 -20.25 -21.98 -4.03
N GLY B 44 -19.66 -21.89 -5.22
CA GLY B 44 -19.42 -23.07 -6.05
C GLY B 44 -20.60 -23.50 -6.89
N GLU B 45 -21.66 -22.70 -6.87
CA GLU B 45 -22.85 -23.01 -7.68
C GLU B 45 -23.45 -21.80 -8.38
N TRP B 46 -24.10 -22.08 -9.51
CA TRP B 46 -24.83 -21.06 -10.24
C TRP B 46 -26.16 -20.83 -9.51
N VAL B 47 -26.42 -19.56 -9.18
CA VAL B 47 -27.58 -19.15 -8.39
C VAL B 47 -28.30 -18.05 -9.16
N ASP B 48 -29.56 -18.27 -9.50
CA ASP B 48 -30.33 -17.31 -10.29
C ASP B 48 -31.06 -16.30 -9.39
N THR B 49 -31.55 -15.22 -9.99
CA THR B 49 -32.32 -14.20 -9.28
C THR B 49 -33.59 -13.90 -10.07
N LYS B 50 -34.53 -13.22 -9.43
CA LYS B 50 -35.76 -12.79 -10.07
C LYS B 50 -35.48 -11.74 -11.15
N GLU B 51 -34.73 -10.71 -10.79
CA GLU B 51 -34.39 -9.62 -11.69
C GLU B 51 -33.22 -10.02 -12.58
N ARG B 52 -33.06 -9.33 -13.71
CA ARG B 52 -32.00 -9.67 -14.65
C ARG B 52 -31.31 -8.44 -15.22
N MET B 53 -30.15 -8.69 -15.81
CA MET B 53 -29.38 -7.68 -16.53
C MET B 53 -29.35 -8.10 -17.99
N VAL B 54 -29.48 -7.13 -18.89
CA VAL B 54 -29.49 -7.40 -20.33
C VAL B 54 -28.22 -6.85 -20.96
N SER B 55 -27.59 -7.65 -21.83
CA SER B 55 -26.40 -7.20 -22.54
C SER B 55 -26.70 -7.10 -24.03
N LEU B 56 -26.35 -5.95 -24.60
CA LEU B 56 -26.65 -5.62 -26.01
C LEU B 56 -25.40 -5.68 -26.89
N ASN B 57 -25.63 -5.91 -28.17
CA ASN B 57 -24.59 -5.84 -29.19
C ASN B 57 -24.39 -4.38 -29.60
N PRO B 58 -23.25 -3.75 -29.26
CA PRO B 58 -23.12 -2.32 -29.61
C PRO B 58 -23.05 -2.05 -31.11
N SER B 59 -22.83 -3.09 -31.91
CA SER B 59 -22.85 -2.94 -33.37
C SER B 59 -24.28 -3.04 -33.92
N ALA B 60 -25.21 -3.46 -33.06
CA ALA B 60 -26.63 -3.68 -33.43
C ALA B 60 -27.45 -3.76 -32.13
N PRO B 61 -27.61 -2.62 -31.44
CA PRO B 61 -28.12 -2.64 -30.06
C PRO B 61 -29.54 -3.16 -29.87
N SER B 62 -30.27 -3.39 -30.97
CA SER B 62 -31.57 -4.08 -30.86
C SER B 62 -31.39 -5.60 -30.68
N GLU B 63 -30.15 -6.06 -30.81
CA GLU B 63 -29.83 -7.47 -30.67
C GLU B 63 -29.25 -7.75 -29.28
N VAL B 64 -29.95 -8.57 -28.53
CA VAL B 64 -29.51 -8.98 -27.20
C VAL B 64 -28.49 -10.12 -27.33
N VAL B 65 -27.34 -9.96 -26.67
CA VAL B 65 -26.30 -10.99 -26.73
C VAL B 65 -26.38 -11.97 -25.55
N GLY B 66 -27.15 -11.63 -24.53
CA GLY B 66 -27.37 -12.51 -23.38
C GLY B 66 -28.00 -11.76 -22.23
N THR B 67 -28.45 -12.50 -21.23
CA THR B 67 -28.93 -11.90 -19.98
C THR B 67 -28.22 -12.61 -18.82
N THR B 68 -28.12 -11.91 -17.69
CA THR B 68 -27.58 -12.50 -16.48
C THR B 68 -28.51 -12.21 -15.31
N ALA B 69 -28.30 -12.95 -14.23
CA ALA B 69 -28.92 -12.61 -12.96
C ALA B 69 -28.40 -11.25 -12.47
N LYS B 70 -29.03 -10.73 -11.43
CA LYS B 70 -28.73 -9.40 -10.92
C LYS B 70 -28.57 -9.46 -9.40
N ALA B 71 -27.37 -9.18 -8.93
CA ALA B 71 -27.07 -9.25 -7.51
C ALA B 71 -27.47 -7.96 -6.79
N GLY B 72 -28.23 -8.11 -5.71
CA GLY B 72 -28.52 -7.02 -4.78
C GLY B 72 -27.82 -7.28 -3.47
N LYS B 73 -28.25 -6.59 -2.41
CA LYS B 73 -27.60 -6.73 -1.10
C LYS B 73 -27.64 -8.14 -0.52
N ALA B 74 -28.77 -8.83 -0.68
CA ALA B 74 -28.89 -10.19 -0.15
C ALA B 74 -27.88 -11.13 -0.81
N GLU B 75 -27.68 -10.98 -2.11
CA GLU B 75 -26.72 -11.80 -2.84
C GLU B 75 -25.30 -11.43 -2.47
N ALA B 76 -25.04 -10.13 -2.31
CA ALA B 76 -23.77 -9.63 -1.78
C ALA B 76 -23.42 -10.26 -0.42
N GLU B 77 -24.41 -10.30 0.50
CA GLU B 77 -24.24 -10.98 1.79
C GLU B 77 -23.93 -12.48 1.67
N ALA B 78 -24.66 -13.16 0.79
CA ALA B 78 -24.44 -14.60 0.58
C ALA B 78 -23.04 -14.85 0.03
N ALA B 79 -22.60 -14.00 -0.90
CA ALA B 79 -21.26 -14.11 -1.46
C ALA B 79 -20.19 -13.84 -0.41
N LEU B 80 -20.44 -12.85 0.46
CA LEU B 80 -19.51 -12.52 1.55
C LEU B 80 -19.37 -13.69 2.52
N GLU B 81 -20.49 -14.29 2.92
CA GLU B 81 -20.44 -15.49 3.75
C GLU B 81 -19.64 -16.62 3.10
N ALA B 82 -19.90 -16.87 1.81
CA ALA B 82 -19.23 -17.93 1.10
C ALA B 82 -17.72 -17.67 1.00
N ALA B 83 -17.38 -16.42 0.73
CA ALA B 83 -15.97 -16.03 0.54
C ALA B 83 -15.18 -16.12 1.85
N TRP B 84 -15.78 -15.69 2.97
CA TRP B 84 -15.10 -15.81 4.26
C TRP B 84 -14.99 -17.27 4.70
N LYS B 85 -16.04 -18.06 4.46
CA LYS B 85 -15.98 -19.48 4.80
C LYS B 85 -14.87 -20.16 4.00
N ALA B 86 -14.78 -19.85 2.71
CA ALA B 86 -13.77 -20.47 1.85
C ALA B 86 -12.37 -20.02 2.27
N PHE B 87 -12.26 -18.76 2.69
CA PHE B 87 -10.93 -18.21 3.04
C PHE B 87 -10.25 -19.01 4.14
N LYS B 88 -11.04 -19.45 5.11
CA LYS B 88 -10.53 -20.18 6.27
C LYS B 88 -9.68 -21.38 5.87
N THR B 89 -10.04 -22.05 4.79
CA THR B 89 -9.29 -23.22 4.31
C THR B 89 -8.40 -22.94 3.10
N TRP B 90 -8.86 -22.07 2.20
CA TRP B 90 -8.12 -21.72 0.97
C TRP B 90 -6.77 -21.09 1.33
N LYS B 91 -6.75 -20.27 2.39
CA LYS B 91 -5.51 -19.65 2.84
C LYS B 91 -4.46 -20.70 3.23
N ASP B 92 -4.91 -21.91 3.60
CA ASP B 92 -4.00 -22.95 4.09
C ASP B 92 -3.51 -23.90 3.00
N TRP B 93 -4.05 -23.79 1.79
CA TRP B 93 -3.53 -24.58 0.68
C TRP B 93 -2.04 -24.28 0.49
N PRO B 94 -1.24 -25.31 0.19
CA PRO B 94 0.12 -25.07 -0.24
C PRO B 94 0.10 -24.15 -1.47
N GLN B 95 1.06 -23.23 -1.56
CA GLN B 95 1.08 -22.36 -2.72
C GLN B 95 1.13 -23.15 -4.03
N GLU B 96 1.88 -24.25 -4.02
CA GLU B 96 2.01 -25.05 -5.23
C GLU B 96 0.65 -25.54 -5.71
N ASP B 97 -0.24 -25.86 -4.76
CA ASP B 97 -1.58 -26.38 -5.10
C ASP B 97 -2.43 -25.26 -5.68
N ARG B 98 -2.37 -24.07 -5.07
CA ARG B 98 -3.10 -22.90 -5.62
C ARG B 98 -2.58 -22.51 -7.01
N SER B 99 -1.25 -22.54 -7.18
CA SER B 99 -0.64 -22.19 -8.46
C SER B 99 -1.05 -23.18 -9.56
N ARG B 100 -1.12 -24.47 -9.21
CA ARG B 100 -1.58 -25.48 -10.15
C ARG B 100 -3.03 -25.21 -10.58
N LEU B 101 -3.86 -24.75 -9.65
CA LEU B 101 -5.24 -24.44 -9.97
C LEU B 101 -5.29 -23.32 -11.02
N LEU B 102 -4.46 -22.29 -10.82
CA LEU B 102 -4.40 -21.23 -11.82
C LEU B 102 -3.97 -21.76 -13.18
N LEU B 103 -2.94 -22.61 -13.20
CA LEU B 103 -2.43 -23.11 -14.47
C LEU B 103 -3.49 -23.94 -15.19
N LYS B 104 -4.28 -24.69 -14.44
CA LYS B 104 -5.43 -25.41 -15.01
C LYS B 104 -6.43 -24.41 -15.64
N ALA B 105 -6.80 -23.36 -14.90
CA ALA B 105 -7.67 -22.32 -15.45
C ALA B 105 -7.11 -21.70 -16.74
N ALA B 106 -5.81 -21.43 -16.79
CA ALA B 106 -5.18 -20.90 -18.00
C ALA B 106 -5.30 -21.85 -19.16
N ALA B 107 -5.07 -23.15 -18.91
CA ALA B 107 -5.19 -24.16 -19.98
C ALA B 107 -6.63 -24.22 -20.52
N LEU B 108 -7.61 -24.16 -19.62
CA LEU B 108 -9.02 -24.14 -20.03
C LEU B 108 -9.37 -22.90 -20.83
N MET B 109 -8.87 -21.75 -20.39
CA MET B 109 -9.09 -20.50 -21.11
C MET B 109 -8.47 -20.53 -22.50
N ARG B 110 -7.25 -21.07 -22.60
CA ARG B 110 -6.57 -21.15 -23.88
C ARG B 110 -7.37 -22.03 -24.87
N ARG B 111 -7.97 -23.10 -24.36
CA ARG B 111 -8.80 -23.98 -25.20
C ARG B 111 -10.08 -23.33 -25.69
N ARG B 112 -10.51 -22.26 -25.00
CA ARG B 112 -11.72 -21.53 -25.33
C ARG B 112 -11.46 -20.12 -25.90
N LYS B 113 -10.23 -19.91 -26.39
CA LYS B 113 -9.80 -18.59 -26.88
C LYS B 113 -10.74 -17.99 -27.91
N ARG B 114 -11.07 -18.73 -28.96
CA ARG B 114 -11.87 -18.18 -30.05
C ARG B 114 -13.28 -17.84 -29.57
N GLU B 115 -13.87 -18.70 -28.75
CA GLU B 115 -15.18 -18.45 -28.16
C GLU B 115 -15.18 -17.14 -27.35
N LEU B 116 -14.17 -16.94 -26.50
CA LEU B 116 -14.10 -15.70 -25.72
C LEU B 116 -13.88 -14.46 -26.59
N GLU B 117 -13.01 -14.59 -27.61
CA GLU B 117 -12.75 -13.50 -28.54
C GLU B 117 -14.06 -13.12 -29.23
N ALA B 118 -14.79 -14.13 -29.73
CA ALA B 118 -16.04 -13.86 -30.45
C ALA B 118 -17.06 -13.20 -29.55
N THR B 119 -17.06 -13.58 -28.27
CA THR B 119 -17.94 -12.96 -27.30
C THR B 119 -17.55 -11.48 -27.11
N LEU B 120 -16.26 -11.17 -27.04
CA LEU B 120 -15.81 -9.77 -26.99
C LEU B 120 -16.24 -8.99 -28.23
N VAL B 121 -16.11 -9.59 -29.41
CA VAL B 121 -16.56 -8.94 -30.64
C VAL B 121 -18.02 -8.51 -30.54
N TYR B 122 -18.90 -9.44 -30.17
CA TYR B 122 -20.33 -9.17 -30.15
C TYR B 122 -20.78 -8.36 -28.96
N GLU B 123 -20.19 -8.60 -27.78
CA GLU B 123 -20.65 -7.92 -26.57
C GLU B 123 -20.11 -6.51 -26.35
N VAL B 124 -18.84 -6.28 -26.70
CA VAL B 124 -18.24 -4.97 -26.47
C VAL B 124 -17.64 -4.33 -27.73
N GLY B 125 -17.86 -4.94 -28.88
CA GLY B 125 -17.49 -4.31 -30.14
C GLY B 125 -16.01 -4.19 -30.42
N LYS B 126 -15.24 -5.16 -29.95
CA LYS B 126 -13.83 -5.27 -30.35
C LYS B 126 -13.73 -5.89 -31.72
N ASN B 127 -12.83 -5.38 -32.57
CA ASN B 127 -12.49 -6.10 -33.79
C ASN B 127 -11.66 -7.34 -33.43
N TRP B 128 -11.27 -8.13 -34.43
CA TRP B 128 -10.76 -9.46 -34.15
C TRP B 128 -9.44 -9.43 -33.38
N VAL B 129 -8.53 -8.56 -33.79
CA VAL B 129 -7.20 -8.52 -33.14
C VAL B 129 -7.29 -7.88 -31.76
N GLU B 130 -8.12 -6.86 -31.58
CA GLU B 130 -8.38 -6.31 -30.25
C GLU B 130 -8.92 -7.40 -29.30
N ALA B 131 -9.83 -8.22 -29.82
CA ALA B 131 -10.42 -9.31 -29.04
C ALA B 131 -9.35 -10.34 -28.67
N SER B 132 -8.55 -10.75 -29.65
CA SER B 132 -7.49 -11.71 -29.38
C SER B 132 -6.46 -11.20 -28.38
N ALA B 133 -6.11 -9.91 -28.46
CA ALA B 133 -5.14 -9.35 -27.52
C ALA B 133 -5.66 -9.42 -26.08
N ASP B 134 -6.95 -9.12 -25.92
CA ASP B 134 -7.61 -9.10 -24.61
C ASP B 134 -7.56 -10.50 -24.00
N VAL B 135 -8.01 -11.50 -24.74
CA VAL B 135 -7.99 -12.88 -24.22
C VAL B 135 -6.57 -13.37 -23.92
N ALA B 136 -5.62 -13.04 -24.80
CA ALA B 136 -4.24 -13.44 -24.60
C ALA B 136 -3.68 -12.82 -23.32
N GLU B 137 -4.03 -11.56 -23.06
CA GLU B 137 -3.62 -10.87 -21.83
C GLU B 137 -4.17 -11.55 -20.58
N ALA B 138 -5.43 -11.98 -20.66
CA ALA B 138 -6.06 -12.73 -19.57
C ALA B 138 -5.30 -14.01 -19.26
N ILE B 139 -5.02 -14.80 -20.30
CA ILE B 139 -4.22 -16.01 -20.15
C ILE B 139 -2.86 -15.66 -19.52
N ASP B 140 -2.25 -14.58 -20.01
CA ASP B 140 -0.96 -14.15 -19.46
C ASP B 140 -1.03 -13.84 -17.96
N PHE B 141 -2.10 -13.17 -17.52
CA PHE B 141 -2.20 -12.84 -16.08
C PHE B 141 -2.22 -14.11 -15.28
N ILE B 142 -2.98 -15.09 -15.76
CA ILE B 142 -3.11 -16.36 -15.01
C ILE B 142 -1.74 -17.06 -14.95
N GLU B 143 -1.09 -17.18 -16.10
CA GLU B 143 0.21 -17.85 -16.17
C GLU B 143 1.29 -17.12 -15.33
N TYR B 144 1.31 -15.79 -15.44
CA TYR B 144 2.28 -14.98 -14.74
C TYR B 144 2.06 -15.03 -13.22
N TYR B 145 0.82 -14.78 -12.77
CA TYR B 145 0.56 -14.76 -11.32
C TYR B 145 0.72 -16.14 -10.68
N ALA B 146 0.40 -17.20 -11.42
CA ALA B 146 0.64 -18.55 -10.90
C ALA B 146 2.12 -18.73 -10.51
N ARG B 147 3.00 -18.28 -11.39
CA ARG B 147 4.44 -18.39 -11.17
C ARG B 147 4.94 -17.40 -10.13
N ALA B 148 4.49 -16.14 -10.24
CA ALA B 148 4.92 -15.10 -9.30
C ALA B 148 4.56 -15.43 -7.85
N ALA B 149 3.39 -16.06 -7.65
CA ALA B 149 2.94 -16.41 -6.29
C ALA B 149 3.94 -17.31 -5.57
N LEU B 150 4.62 -18.18 -6.31
CA LEU B 150 5.57 -19.10 -5.69
C LEU B 150 6.76 -18.34 -5.10
N ARG B 151 7.02 -17.14 -5.60
CA ARG B 151 8.10 -16.28 -5.07
C ARG B 151 7.83 -15.79 -3.64
N TYR B 152 6.58 -15.91 -3.20
CA TYR B 152 6.15 -15.46 -1.86
C TYR B 152 5.94 -16.61 -0.87
N ARG B 153 6.25 -17.85 -1.27
CA ARG B 153 5.88 -19.04 -0.49
C ARG B 153 6.62 -19.17 0.85
N TYR B 154 5.96 -19.82 1.81
CA TYR B 154 6.46 -19.98 3.17
C TYR B 154 7.88 -20.56 3.23
N PRO B 155 8.78 -19.95 4.04
CA PRO B 155 8.78 -18.59 4.60
C PRO B 155 9.69 -17.68 3.77
N ALA B 156 9.11 -16.70 3.10
CA ALA B 156 9.83 -16.00 2.02
C ALA B 156 10.73 -14.84 2.45
N VAL B 157 10.58 -14.37 3.68
CA VAL B 157 11.22 -13.09 4.05
C VAL B 157 12.66 -13.26 4.52
N GLU B 158 13.53 -12.43 3.97
CA GLU B 158 14.94 -12.40 4.36
C GLU B 158 15.13 -11.57 5.63
N VAL B 159 15.53 -12.24 6.71
CA VAL B 159 15.71 -11.58 8.00
C VAL B 159 17.12 -11.83 8.55
N VAL B 160 17.48 -11.00 9.53
CA VAL B 160 18.79 -11.09 10.17
C VAL B 160 18.71 -12.08 11.32
N PRO B 161 19.61 -13.08 11.36
CA PRO B 161 19.52 -14.02 12.48
C PRO B 161 19.94 -13.45 13.84
N TYR B 162 19.57 -14.15 14.89
CA TYR B 162 19.87 -13.75 16.26
C TYR B 162 20.28 -15.01 17.04
N PRO B 163 21.30 -14.89 17.93
CA PRO B 163 21.74 -16.08 18.66
C PRO B 163 20.65 -16.72 19.51
N GLY B 164 20.60 -18.05 19.48
CA GLY B 164 19.72 -18.84 20.34
C GLY B 164 18.26 -18.81 19.95
N GLU B 165 17.97 -18.29 18.75
CA GLU B 165 16.59 -18.12 18.29
C GLU B 165 16.42 -18.54 16.85
N ASP B 166 15.23 -19.04 16.53
CA ASP B 166 14.74 -19.05 15.16
C ASP B 166 13.88 -17.82 14.94
N ASN B 167 14.16 -17.08 13.88
CA ASN B 167 13.32 -15.94 13.49
C ASN B 167 12.78 -16.16 12.11
N GLU B 168 11.45 -16.25 12.00
CA GLU B 168 10.83 -16.66 10.76
C GLU B 168 9.73 -15.70 10.38
N SER B 169 9.93 -15.00 9.28
CA SER B 169 8.92 -14.09 8.74
C SER B 169 8.34 -14.65 7.44
N PHE B 170 7.03 -14.49 7.28
CA PHE B 170 6.34 -15.07 6.15
C PHE B 170 5.07 -14.31 5.83
N TYR B 171 4.59 -14.50 4.60
CA TYR B 171 3.41 -13.80 4.12
C TYR B 171 2.16 -14.63 4.29
N VAL B 172 1.06 -13.94 4.57
CA VAL B 172 -0.26 -14.55 4.63
C VAL B 172 -1.26 -13.69 3.85
N PRO B 173 -2.27 -14.32 3.26
CA PRO B 173 -3.26 -13.52 2.55
C PRO B 173 -4.15 -12.71 3.51
N LEU B 174 -4.83 -11.71 2.96
CA LEU B 174 -5.65 -10.79 3.75
C LEU B 174 -7.03 -11.32 4.13
N GLY B 175 -7.75 -11.90 3.18
CA GLY B 175 -9.13 -12.30 3.47
C GLY B 175 -9.98 -12.29 2.24
N ALA B 176 -11.27 -11.99 2.41
CA ALA B 176 -12.22 -11.83 1.30
C ALA B 176 -12.27 -10.38 0.88
N GLY B 177 -12.17 -10.16 -0.43
CA GLY B 177 -12.28 -8.82 -0.96
C GLY B 177 -13.20 -8.73 -2.15
N VAL B 178 -13.38 -7.51 -2.64
CA VAL B 178 -14.24 -7.25 -3.80
C VAL B 178 -13.40 -6.74 -4.97
N VAL B 179 -13.71 -7.26 -6.16
CA VAL B 179 -13.08 -6.85 -7.41
C VAL B 179 -14.17 -6.19 -8.23
N ILE B 180 -13.91 -4.97 -8.67
CA ILE B 180 -14.90 -4.17 -9.42
C ILE B 180 -14.21 -3.77 -10.72
N ALA B 181 -14.79 -4.24 -11.84
CA ALA B 181 -14.09 -4.28 -13.11
C ALA B 181 -14.72 -3.40 -14.21
N PRO B 182 -13.92 -2.98 -15.19
CA PRO B 182 -14.38 -2.16 -16.32
C PRO B 182 -14.87 -3.02 -17.51
N TRP B 183 -15.55 -2.38 -18.46
CA TRP B 183 -16.08 -3.07 -19.64
C TRP B 183 -15.10 -3.12 -20.80
N ASN B 184 -14.01 -2.36 -20.71
CA ASN B 184 -13.13 -2.22 -21.88
C ASN B 184 -12.12 -3.34 -22.06
N PHE B 185 -11.71 -3.96 -20.96
CA PHE B 185 -10.93 -5.20 -21.02
C PHE B 185 -11.58 -6.21 -20.10
N PRO B 186 -12.78 -6.69 -20.49
CA PRO B 186 -13.61 -7.47 -19.57
C PRO B 186 -13.29 -8.94 -19.50
N VAL B 187 -12.28 -9.40 -20.27
CA VAL B 187 -11.68 -10.70 -19.99
C VAL B 187 -10.34 -10.45 -19.26
N ALA B 188 -9.45 -9.67 -19.87
CA ALA B 188 -8.10 -9.46 -19.31
C ALA B 188 -8.05 -8.89 -17.88
N ILE B 189 -8.64 -7.71 -17.70
CA ILE B 189 -8.53 -6.99 -16.42
C ILE B 189 -9.42 -7.67 -15.38
N PHE B 190 -10.60 -8.08 -15.80
CA PHE B 190 -11.50 -8.87 -14.94
C PHE B 190 -10.73 -10.08 -14.38
N THR B 191 -10.07 -10.84 -15.26
CA THR B 191 -9.35 -12.05 -14.84
C THR B 191 -8.16 -11.72 -13.95
N GLY B 192 -7.34 -10.78 -14.39
CA GLY B 192 -6.13 -10.38 -13.64
C GLY B 192 -6.42 -9.94 -12.22
N MET B 193 -7.44 -9.09 -12.08
CA MET B 193 -7.79 -8.54 -10.77
C MET B 193 -8.34 -9.60 -9.83
N ILE B 194 -8.93 -10.66 -10.38
CA ILE B 194 -9.43 -11.78 -9.58
C ILE B 194 -8.30 -12.73 -9.22
N VAL B 195 -7.56 -13.18 -10.23
CA VAL B 195 -6.66 -14.32 -10.01
C VAL B 195 -5.38 -13.96 -9.26
N GLY B 196 -4.97 -12.69 -9.31
CA GLY B 196 -3.82 -12.20 -8.53
C GLY B 196 -4.04 -12.40 -7.03
N PRO B 197 -5.07 -11.75 -6.46
CA PRO B 197 -5.39 -11.98 -5.04
C PRO B 197 -5.67 -13.45 -4.69
N VAL B 198 -6.38 -14.14 -5.56
CA VAL B 198 -6.77 -15.53 -5.29
C VAL B 198 -5.53 -16.45 -5.23
N ALA B 199 -4.57 -16.20 -6.11
CA ALA B 199 -3.39 -17.05 -6.19
C ALA B 199 -2.68 -17.21 -4.87
N VAL B 200 -2.59 -16.10 -4.12
CA VAL B 200 -1.84 -16.11 -2.86
C VAL B 200 -2.69 -16.42 -1.63
N GLY B 201 -3.96 -16.79 -1.85
CA GLY B 201 -4.79 -17.27 -0.74
C GLY B 201 -5.96 -16.39 -0.33
N ASN B 202 -6.16 -15.26 -1.01
CA ASN B 202 -7.39 -14.47 -0.78
C ASN B 202 -8.58 -15.11 -1.50
N THR B 203 -9.77 -14.68 -1.11
CA THR B 203 -11.00 -15.04 -1.83
C THR B 203 -11.63 -13.75 -2.36
N VAL B 204 -12.44 -13.88 -3.42
CA VAL B 204 -12.88 -12.72 -4.17
C VAL B 204 -14.35 -12.76 -4.53
N ILE B 205 -14.97 -11.58 -4.45
CA ILE B 205 -16.31 -11.36 -4.98
C ILE B 205 -16.11 -10.40 -6.15
N ALA B 206 -16.50 -10.83 -7.35
CA ALA B 206 -16.22 -10.06 -8.56
C ALA B 206 -17.48 -9.47 -9.18
N LYS B 207 -17.42 -8.17 -9.45
CA LYS B 207 -18.54 -7.42 -9.98
C LYS B 207 -18.13 -6.93 -11.38
N PRO B 208 -18.59 -7.63 -12.45
CA PRO B 208 -18.24 -7.20 -13.80
C PRO B 208 -18.99 -5.92 -14.18
N ALA B 209 -18.44 -5.17 -15.13
CA ALA B 209 -19.16 -4.00 -15.67
C ALA B 209 -20.45 -4.43 -16.36
N GLU B 210 -21.48 -3.60 -16.26
CA GLU B 210 -22.77 -3.96 -16.87
C GLU B 210 -22.71 -4.30 -18.37
N ASP B 211 -21.87 -3.58 -19.12
CA ASP B 211 -21.78 -3.79 -20.56
C ASP B 211 -21.08 -5.09 -20.95
N ALA B 212 -20.52 -5.79 -19.97
CA ALA B 212 -19.69 -6.96 -20.25
C ALA B 212 -19.96 -8.15 -19.33
N VAL B 213 -21.22 -8.28 -18.92
CA VAL B 213 -21.62 -9.32 -17.99
C VAL B 213 -21.60 -10.73 -18.60
N VAL B 214 -21.84 -10.85 -19.91
CA VAL B 214 -21.87 -12.18 -20.53
C VAL B 214 -20.47 -12.79 -20.59
N VAL B 215 -19.51 -12.00 -21.06
CA VAL B 215 -18.15 -12.53 -21.15
C VAL B 215 -17.59 -12.80 -19.73
N GLY B 216 -17.99 -11.99 -18.75
CA GLY B 216 -17.60 -12.26 -17.37
C GLY B 216 -18.11 -13.60 -16.89
N ALA B 217 -19.35 -13.93 -17.27
CA ALA B 217 -19.94 -15.21 -16.91
C ALA B 217 -19.17 -16.37 -17.53
N LYS B 218 -18.74 -16.22 -18.79
CA LYS B 218 -17.96 -17.26 -19.47
C LYS B 218 -16.62 -17.49 -18.80
N VAL B 219 -16.02 -16.41 -18.29
CA VAL B 219 -14.79 -16.55 -17.51
C VAL B 219 -15.05 -17.39 -16.24
N PHE B 220 -16.17 -17.13 -15.58
CA PHE B 220 -16.58 -17.97 -14.46
C PHE B 220 -16.90 -19.42 -14.81
N GLU B 221 -17.37 -19.69 -16.02
CA GLU B 221 -17.51 -21.09 -16.45
C GLU B 221 -16.16 -21.79 -16.41
N ILE B 222 -15.13 -21.07 -16.83
CA ILE B 222 -13.76 -21.59 -16.80
C ILE B 222 -13.30 -21.84 -15.35
N PHE B 223 -13.51 -20.86 -14.48
CA PHE B 223 -13.16 -21.02 -13.06
C PHE B 223 -13.88 -22.20 -12.45
N HIS B 224 -15.16 -22.34 -12.78
CA HIS B 224 -15.92 -23.48 -12.25
C HIS B 224 -15.36 -24.82 -12.74
N GLU B 225 -15.08 -24.93 -14.04
CA GLU B 225 -14.54 -26.19 -14.56
C GLU B 225 -13.15 -26.50 -14.00
N ALA B 226 -12.36 -25.45 -13.76
CA ALA B 226 -11.03 -25.60 -13.15
C ALA B 226 -11.10 -26.20 -11.77
N GLY B 227 -12.18 -25.91 -11.04
CA GLY B 227 -12.42 -26.53 -9.74
C GLY B 227 -11.98 -25.71 -8.54
N PHE B 228 -12.02 -24.37 -8.65
CA PHE B 228 -11.80 -23.53 -7.47
C PHE B 228 -12.80 -23.97 -6.40
N PRO B 229 -12.34 -24.19 -5.15
CA PRO B 229 -13.26 -24.58 -4.08
C PRO B 229 -14.41 -23.57 -3.91
N PRO B 230 -15.58 -24.05 -3.43
CA PRO B 230 -16.73 -23.17 -3.28
C PRO B 230 -16.40 -21.93 -2.46
N GLY B 231 -16.81 -20.77 -2.95
CA GLY B 231 -16.61 -19.49 -2.25
C GLY B 231 -15.29 -18.79 -2.56
N VAL B 232 -14.34 -19.48 -3.19
CA VAL B 232 -13.05 -18.83 -3.50
C VAL B 232 -13.20 -17.71 -4.52
N VAL B 233 -14.00 -17.94 -5.56
CA VAL B 233 -14.33 -16.88 -6.52
C VAL B 233 -15.84 -16.83 -6.68
N ASN B 234 -16.40 -15.63 -6.66
CA ASN B 234 -17.83 -15.43 -6.76
C ASN B 234 -18.14 -14.35 -7.80
N PHE B 235 -19.22 -14.56 -8.55
CA PHE B 235 -19.59 -13.73 -9.70
C PHE B 235 -20.90 -13.02 -9.41
N LEU B 236 -20.83 -11.69 -9.29
CA LEU B 236 -21.98 -10.87 -8.90
C LEU B 236 -22.24 -9.72 -9.89
N PRO B 237 -22.75 -10.06 -11.10
CA PRO B 237 -23.19 -9.01 -12.01
C PRO B 237 -24.28 -8.19 -11.32
N GLY B 238 -24.24 -6.89 -11.54
CA GLY B 238 -25.12 -5.97 -10.83
C GLY B 238 -24.70 -4.54 -11.07
N VAL B 239 -25.37 -3.63 -10.38
CA VAL B 239 -25.20 -2.21 -10.59
C VAL B 239 -24.13 -1.71 -9.65
N GLY B 240 -23.06 -1.16 -10.24
CA GLY B 240 -21.89 -0.70 -9.48
C GLY B 240 -22.26 0.23 -8.33
N GLU B 241 -23.06 1.24 -8.63
CA GLU B 241 -23.41 2.24 -7.63
C GLU B 241 -24.33 1.67 -6.54
N GLU B 242 -24.84 0.45 -6.77
CA GLU B 242 -25.67 -0.20 -5.78
C GLU B 242 -24.91 -1.32 -5.07
N VAL B 243 -24.79 -2.49 -5.68
CA VAL B 243 -24.13 -3.63 -5.03
C VAL B 243 -22.61 -3.43 -4.90
N GLY B 244 -22.00 -2.75 -5.86
CA GLY B 244 -20.58 -2.43 -5.79
C GLY B 244 -20.26 -1.55 -4.59
N ALA B 245 -20.98 -0.44 -4.47
CA ALA B 245 -20.80 0.46 -3.34
C ALA B 245 -21.08 -0.23 -2.01
N TYR B 246 -22.10 -1.08 -1.98
CA TYR B 246 -22.46 -1.83 -0.79
C TYR B 246 -21.27 -2.64 -0.27
N LEU B 247 -20.60 -3.34 -1.18
CA LEU B 247 -19.40 -4.11 -0.81
C LEU B 247 -18.20 -3.23 -0.43
N VAL B 248 -17.93 -2.19 -1.22
CA VAL B 248 -16.88 -1.23 -0.89
C VAL B 248 -17.01 -0.70 0.55
N GLU B 249 -18.23 -0.36 0.95
CA GLU B 249 -18.48 0.26 2.26
C GLU B 249 -18.65 -0.74 3.40
N HIS B 250 -18.67 -2.03 3.07
CA HIS B 250 -19.02 -3.08 4.02
C HIS B 250 -17.92 -3.25 5.06
N PRO B 251 -18.29 -3.40 6.35
CA PRO B 251 -17.24 -3.61 7.36
C PRO B 251 -16.45 -4.92 7.24
N ARG B 252 -17.02 -5.90 6.54
CA ARG B 252 -16.40 -7.22 6.44
C ARG B 252 -15.69 -7.43 5.09
N ILE B 253 -15.56 -6.36 4.29
CA ILE B 253 -14.76 -6.42 3.07
C ILE B 253 -13.33 -6.00 3.41
N ARG B 254 -12.37 -6.89 3.10
CA ARG B 254 -10.99 -6.68 3.56
C ARG B 254 -10.17 -5.80 2.62
N PHE B 255 -10.43 -5.91 1.33
CA PHE B 255 -9.74 -5.14 0.31
C PHE B 255 -10.63 -4.92 -0.89
N ILE B 256 -10.29 -3.91 -1.68
CA ILE B 256 -11.01 -3.58 -2.90
C ILE B 256 -10.01 -3.46 -4.02
N ASN B 257 -10.27 -4.18 -5.11
CA ASN B 257 -9.40 -4.12 -6.28
C ASN B 257 -10.27 -3.55 -7.42
N PHE B 258 -9.99 -2.31 -7.81
CA PHE B 258 -10.84 -1.56 -8.74
C PHE B 258 -10.07 -1.06 -9.94
N THR B 259 -10.68 -1.20 -11.11
CA THR B 259 -10.20 -0.54 -12.30
C THR B 259 -11.40 0.11 -12.99
N GLY B 260 -11.28 1.40 -13.27
CA GLY B 260 -12.41 2.12 -13.87
C GLY B 260 -12.14 3.61 -13.90
N SER B 261 -13.21 4.39 -13.90
CA SER B 261 -13.10 5.83 -14.03
C SER B 261 -12.50 6.47 -12.78
N LEU B 262 -11.90 7.65 -12.98
CA LEU B 262 -11.43 8.45 -11.86
C LEU B 262 -12.57 8.83 -10.92
N GLU B 263 -13.71 9.27 -11.47
CA GLU B 263 -14.85 9.65 -10.64
C GLU B 263 -15.20 8.57 -9.62
N VAL B 264 -15.29 7.33 -10.10
CA VAL B 264 -15.66 6.23 -9.22
C VAL B 264 -14.49 5.85 -8.30
N GLY B 265 -13.27 5.84 -8.86
CA GLY B 265 -12.07 5.54 -8.07
C GLY B 265 -11.91 6.46 -6.87
N LEU B 266 -12.21 7.75 -7.05
CA LEU B 266 -12.12 8.70 -5.95
C LEU B 266 -13.09 8.35 -4.82
N LYS B 267 -14.32 7.98 -5.19
CA LYS B 267 -15.33 7.59 -4.20
C LYS B 267 -14.93 6.34 -3.45
N ILE B 268 -14.41 5.36 -4.19
CA ILE B 268 -13.96 4.10 -3.60
C ILE B 268 -12.80 4.33 -2.62
N TYR B 269 -11.79 5.08 -3.04
CA TYR B 269 -10.64 5.33 -2.18
C TYR B 269 -11.05 6.07 -0.91
N GLU B 270 -12.00 7.00 -1.04
CA GLU B 270 -12.45 7.76 0.13
C GLU B 270 -13.20 6.84 1.09
N ALA B 271 -14.13 6.05 0.55
CA ALA B 271 -14.88 5.09 1.36
C ALA B 271 -13.98 4.10 2.07
N ALA B 272 -12.93 3.65 1.38
CA ALA B 272 -12.04 2.63 1.92
C ALA B 272 -11.24 3.17 3.10
N GLY B 273 -11.09 4.48 3.15
CA GLY B 273 -10.37 5.11 4.27
C GLY B 273 -11.17 5.23 5.56
N ARG B 274 -12.46 4.94 5.47
CA ARG B 274 -13.39 5.03 6.61
C ARG B 274 -13.51 3.71 7.35
N LEU B 275 -13.64 3.79 8.67
CA LEU B 275 -13.94 2.61 9.48
C LEU B 275 -15.46 2.43 9.53
N ALA B 276 -15.98 1.48 8.75
CA ALA B 276 -17.41 1.14 8.83
C ALA B 276 -17.77 0.60 10.22
N PRO B 277 -19.02 0.78 10.67
CA PRO B 277 -19.33 0.33 12.02
C PRO B 277 -19.01 -1.16 12.21
N GLY B 278 -18.23 -1.46 13.26
CA GLY B 278 -17.84 -2.84 13.54
C GLY B 278 -16.63 -3.37 12.77
N GLN B 279 -16.08 -2.55 11.89
CA GLN B 279 -14.91 -2.96 11.08
C GLN B 279 -13.68 -3.10 11.97
N THR B 280 -12.85 -4.10 11.68
CA THR B 280 -11.71 -4.42 12.56
C THR B 280 -10.37 -4.41 11.83
N TRP B 281 -10.29 -3.64 10.74
CA TRP B 281 -9.04 -3.51 9.99
C TRP B 281 -9.02 -2.21 9.20
N PHE B 282 -7.84 -1.83 8.73
CA PHE B 282 -7.70 -0.74 7.79
C PHE B 282 -7.80 -1.35 6.39
N LYS B 283 -8.86 -1.00 5.67
CA LYS B 283 -9.06 -1.54 4.32
C LYS B 283 -7.95 -1.13 3.37
N ARG B 284 -7.56 -2.06 2.50
CA ARG B 284 -6.70 -1.74 1.37
C ARG B 284 -7.54 -1.57 0.13
N ALA B 285 -7.28 -0.50 -0.61
CA ALA B 285 -8.00 -0.22 -1.85
C ALA B 285 -6.97 0.10 -2.93
N TYR B 286 -7.03 -0.66 -4.01
CA TYR B 286 -6.21 -0.42 -5.18
C TYR B 286 -7.12 0.09 -6.27
N VAL B 287 -6.82 1.27 -6.80
CA VAL B 287 -7.68 1.94 -7.77
C VAL B 287 -6.84 2.34 -8.97
N GLU B 288 -7.18 1.79 -10.14
CA GLU B 288 -6.44 2.12 -11.34
C GLU B 288 -7.45 2.84 -12.22
N THR B 289 -7.17 4.10 -12.49
N THR B 289 -7.18 4.11 -12.53
CA THR B 289 -8.14 5.01 -13.06
CA THR B 289 -8.24 5.08 -12.87
C THR B 289 -7.69 5.40 -14.47
C THR B 289 -8.11 5.92 -14.16
N GLY B 290 -8.22 6.50 -14.98
N GLY B 290 -7.44 5.39 -15.18
CA GLY B 290 -8.01 6.84 -16.38
CA GLY B 290 -7.43 6.02 -16.51
C GLY B 290 -6.68 7.49 -16.67
C GLY B 290 -6.31 7.00 -16.74
N GLY B 291 -6.51 7.88 -17.93
N GLY B 291 -6.40 7.78 -17.81
CA GLY B 291 -5.33 8.61 -18.37
CA GLY B 291 -5.38 8.77 -18.14
C GLY B 291 -5.70 9.69 -19.36
C GLY B 291 -5.76 9.78 -19.20
N LYS B 292 -4.79 10.64 -19.55
CA LYS B 292 -4.92 11.58 -20.66
C LYS B 292 -3.56 11.54 -21.35
N ASP B 293 -3.38 10.45 -22.09
CA ASP B 293 -2.04 10.02 -22.54
C ASP B 293 -1.58 10.71 -23.80
N ALA B 294 -0.33 11.17 -23.78
CA ALA B 294 0.23 11.89 -24.91
C ALA B 294 1.33 11.11 -25.60
N ILE B 295 1.40 11.27 -26.91
CA ILE B 295 2.61 10.97 -27.67
C ILE B 295 3.26 12.27 -28.11
N ILE B 296 4.56 12.41 -27.79
CA ILE B 296 5.37 13.52 -28.27
C ILE B 296 6.09 13.09 -29.52
N VAL B 297 6.10 13.94 -30.54
CA VAL B 297 6.97 13.72 -31.71
C VAL B 297 7.81 14.96 -31.94
N ASP B 298 9.13 14.77 -32.07
CA ASP B 298 10.03 15.88 -32.40
C ASP B 298 10.52 15.78 -33.86
N GLU B 299 11.25 16.79 -34.29
CA GLU B 299 11.61 16.92 -35.70
C GLU B 299 12.65 15.89 -36.19
N THR B 300 13.21 15.10 -35.26
CA THR B 300 14.23 14.08 -35.58
C THR B 300 13.61 12.71 -35.83
N ALA B 301 12.31 12.58 -35.57
CA ALA B 301 11.64 11.29 -35.64
C ALA B 301 11.46 10.76 -37.05
N ASP B 302 11.26 9.45 -37.15
CA ASP B 302 10.76 8.83 -38.36
C ASP B 302 9.26 9.14 -38.42
N PHE B 303 8.90 10.13 -39.24
CA PHE B 303 7.51 10.64 -39.26
C PHE B 303 6.47 9.60 -39.70
N ASP B 304 6.84 8.71 -40.61
CA ASP B 304 5.94 7.65 -41.04
C ASP B 304 5.71 6.65 -39.90
N LEU B 305 6.79 6.26 -39.24
CA LEU B 305 6.67 5.36 -38.08
C LEU B 305 5.80 6.02 -37.01
N ALA B 306 6.06 7.29 -36.73
CA ALA B 306 5.30 8.03 -35.71
C ALA B 306 3.82 8.06 -36.05
N ALA B 307 3.51 8.41 -37.29
CA ALA B 307 2.11 8.51 -37.70
C ALA B 307 1.37 7.18 -37.54
N GLU B 308 2.01 6.07 -37.93
CA GLU B 308 1.39 4.75 -37.77
C GLU B 308 1.14 4.45 -36.29
N GLY B 309 2.14 4.69 -35.45
CA GLY B 309 1.99 4.39 -34.02
C GLY B 309 0.96 5.28 -33.34
N VAL B 310 0.84 6.51 -33.79
CA VAL B 310 -0.15 7.45 -33.26
C VAL B 310 -1.55 6.98 -33.60
N VAL B 311 -1.75 6.57 -34.85
CA VAL B 311 -3.06 6.11 -35.29
C VAL B 311 -3.48 4.82 -34.57
N VAL B 312 -2.53 3.88 -34.41
CA VAL B 312 -2.82 2.67 -33.65
C VAL B 312 -3.18 3.03 -32.20
N SER B 313 -2.41 3.92 -31.60
CA SER B 313 -2.60 4.26 -30.19
C SER B 313 -3.87 5.04 -29.94
N ALA B 314 -4.24 5.89 -30.87
CA ALA B 314 -5.39 6.77 -30.70
C ALA B 314 -6.70 6.06 -30.96
N TYR B 315 -6.69 5.17 -31.94
CA TYR B 315 -7.95 4.63 -32.48
C TYR B 315 -8.17 3.14 -32.27
N GLY B 316 -7.17 2.43 -31.75
CA GLY B 316 -7.36 1.03 -31.39
C GLY B 316 -8.49 0.89 -30.39
N PHE B 317 -9.38 -0.08 -30.61
CA PHE B 317 -10.62 -0.21 -29.81
C PHE B 317 -11.33 1.14 -29.62
N GLN B 318 -11.35 1.93 -30.69
CA GLN B 318 -12.12 3.17 -30.73
C GLN B 318 -11.67 4.19 -29.68
N GLY B 319 -10.40 4.10 -29.28
CA GLY B 319 -9.86 4.98 -28.23
C GLY B 319 -10.36 4.68 -26.83
N GLN B 320 -11.04 3.55 -26.66
CA GLN B 320 -11.63 3.20 -25.37
C GLN B 320 -10.62 2.44 -24.52
N LYS B 321 -9.44 3.04 -24.34
CA LYS B 321 -8.39 2.43 -23.53
C LYS B 321 -7.82 3.45 -22.57
N CYS B 322 -7.54 3.00 -21.35
CA CYS B 322 -6.86 3.85 -20.39
C CYS B 322 -5.48 4.31 -20.89
N SER B 323 -4.92 3.55 -21.83
CA SER B 323 -3.59 3.78 -22.41
C SER B 323 -3.62 4.56 -23.72
N ALA B 324 -4.82 4.82 -24.26
CA ALA B 324 -4.94 5.38 -25.61
C ALA B 324 -4.29 6.76 -25.75
N ALA B 325 -3.62 6.99 -26.87
CA ALA B 325 -3.12 8.34 -27.16
C ALA B 325 -4.28 9.26 -27.47
N SER B 326 -4.59 10.16 -26.53
CA SER B 326 -5.64 11.17 -26.75
C SER B 326 -5.06 12.56 -26.98
N ARG B 327 -3.74 12.69 -26.79
CA ARG B 327 -3.03 13.92 -27.08
C ARG B 327 -1.85 13.61 -27.98
N LEU B 328 -1.66 14.46 -28.99
CA LEU B 328 -0.49 14.35 -29.85
C LEU B 328 0.24 15.70 -29.76
N ILE B 329 1.43 15.67 -29.17
CA ILE B 329 2.19 16.89 -28.90
C ILE B 329 3.32 16.95 -29.93
N LEU B 330 3.27 17.95 -30.82
CA LEU B 330 4.23 18.08 -31.90
C LEU B 330 5.08 19.33 -31.75
N THR B 331 6.41 19.16 -31.74
CA THR B 331 7.32 20.31 -31.81
C THR B 331 7.15 21.00 -33.17
N GLN B 332 7.56 22.25 -33.27
CA GLN B 332 7.32 23.02 -34.49
C GLN B 332 7.79 22.34 -35.77
N GLY B 333 9.00 21.78 -35.76
CA GLY B 333 9.55 21.06 -36.91
C GLY B 333 8.81 19.80 -37.28
N ALA B 334 8.14 19.18 -36.31
CA ALA B 334 7.40 17.94 -36.51
C ALA B 334 5.95 18.18 -36.93
N TYR B 335 5.44 19.38 -36.68
CA TYR B 335 4.00 19.62 -36.74
C TYR B 335 3.35 19.27 -38.08
N GLU B 336 3.73 19.97 -39.16
CA GLU B 336 3.10 19.73 -40.45
C GLU B 336 3.37 18.30 -40.98
N PRO B 337 4.63 17.85 -40.97
CA PRO B 337 4.91 16.50 -41.50
C PRO B 337 4.14 15.40 -40.79
N VAL B 338 4.07 15.46 -39.45
CA VAL B 338 3.40 14.40 -38.72
C VAL B 338 1.87 14.54 -38.82
N LEU B 339 1.35 15.76 -38.70
CA LEU B 339 -0.09 15.96 -38.81
C LEU B 339 -0.62 15.51 -40.16
N GLU B 340 0.08 15.82 -41.25
CA GLU B 340 -0.40 15.44 -42.58
C GLU B 340 -0.44 13.91 -42.74
N ARG B 341 0.56 13.23 -42.19
CA ARG B 341 0.62 11.76 -42.23
C ARG B 341 -0.45 11.12 -41.34
N VAL B 342 -0.67 11.69 -40.15
CA VAL B 342 -1.72 11.20 -39.25
C VAL B 342 -3.11 11.34 -39.89
N LEU B 343 -3.38 12.49 -40.50
CA LEU B 343 -4.66 12.69 -41.17
C LEU B 343 -4.88 11.73 -42.34
N LYS B 344 -3.85 11.54 -43.17
CA LYS B 344 -3.92 10.62 -44.31
C LYS B 344 -4.21 9.20 -43.88
N ARG B 345 -3.57 8.76 -42.80
CA ARG B 345 -3.78 7.42 -42.26
C ARG B 345 -5.15 7.28 -41.62
N ALA B 346 -5.52 8.24 -40.79
CA ALA B 346 -6.77 8.17 -40.04
C ALA B 346 -7.99 8.21 -40.95
N GLU B 347 -7.91 8.99 -42.03
CA GLU B 347 -9.04 9.12 -42.95
C GLU B 347 -9.33 7.81 -43.70
N ARG B 348 -8.35 6.91 -43.74
CA ARG B 348 -8.48 5.60 -44.38
C ARG B 348 -9.01 4.49 -43.47
N LEU B 349 -9.25 4.79 -42.19
CA LEU B 349 -9.73 3.79 -41.26
C LEU B 349 -11.20 3.48 -41.48
N SER B 350 -11.53 2.18 -41.52
CA SER B 350 -12.92 1.75 -41.65
C SER B 350 -13.60 1.71 -40.28
N VAL B 351 -14.92 1.97 -40.30
CA VAL B 351 -15.75 1.92 -39.10
C VAL B 351 -17.00 1.13 -39.46
N GLY B 352 -17.34 0.14 -38.63
CA GLY B 352 -18.54 -0.63 -38.88
C GLY B 352 -18.72 -1.75 -37.87
N PRO B 353 -19.68 -2.63 -38.11
CA PRO B 353 -19.91 -3.76 -37.21
C PRO B 353 -18.62 -4.52 -36.89
N ALA B 354 -18.38 -4.73 -35.59
CA ALA B 354 -17.10 -5.28 -35.13
C ALA B 354 -16.76 -6.65 -35.73
N GLU B 355 -17.80 -7.46 -35.97
CA GLU B 355 -17.59 -8.81 -36.50
C GLU B 355 -16.97 -8.83 -37.90
N GLU B 356 -17.07 -7.71 -38.61
CA GLU B 356 -16.45 -7.61 -39.94
C GLU B 356 -14.97 -7.25 -39.88
N ASN B 357 -14.43 -7.20 -38.66
CA ASN B 357 -13.03 -6.81 -38.43
C ASN B 357 -12.66 -5.46 -39.06
N PRO B 358 -13.45 -4.41 -38.75
CA PRO B 358 -13.11 -3.08 -39.26
C PRO B 358 -11.95 -2.54 -38.45
N ASP B 359 -11.36 -1.45 -38.89
CA ASP B 359 -10.37 -0.78 -38.03
C ASP B 359 -10.99 -0.31 -36.71
N LEU B 360 -12.21 0.21 -36.79
CA LEU B 360 -12.97 0.60 -35.60
C LEU B 360 -14.34 -0.04 -35.60
N GLY B 361 -14.70 -0.65 -34.48
CA GLY B 361 -16.08 -1.01 -34.23
C GLY B 361 -16.85 0.20 -33.67
N PRO B 362 -17.99 -0.07 -33.03
CA PRO B 362 -18.76 1.00 -32.38
C PRO B 362 -18.21 1.31 -31.00
N VAL B 363 -18.56 2.46 -30.43
CA VAL B 363 -18.35 2.63 -28.99
C VAL B 363 -19.34 1.75 -28.25
N VAL B 364 -19.15 1.58 -26.95
CA VAL B 364 -19.74 0.41 -26.30
C VAL B 364 -21.22 0.49 -25.99
N SER B 365 -21.75 1.71 -25.93
CA SER B 365 -23.11 1.91 -25.41
C SER B 365 -23.64 3.27 -25.81
N ALA B 366 -24.95 3.41 -25.67
CA ALA B 366 -25.62 4.69 -25.87
C ALA B 366 -25.04 5.77 -24.95
N GLU B 367 -24.75 5.41 -23.70
CA GLU B 367 -24.15 6.38 -22.78
C GLU B 367 -22.77 6.85 -23.23
N GLN B 368 -21.94 5.91 -23.68
CA GLN B 368 -20.62 6.27 -24.19
C GLN B 368 -20.71 7.12 -25.46
N GLU B 369 -21.63 6.75 -26.34
CA GLU B 369 -21.90 7.57 -27.52
C GLU B 369 -22.24 9.01 -27.14
N ARG B 370 -23.17 9.18 -26.21
CA ARG B 370 -23.55 10.50 -25.72
C ARG B 370 -22.36 11.28 -25.16
N LYS B 371 -21.52 10.61 -24.36
CA LYS B 371 -20.34 11.27 -23.77
C LYS B 371 -19.36 11.74 -24.84
N VAL B 372 -19.06 10.85 -25.79
CA VAL B 372 -18.10 11.16 -26.85
C VAL B 372 -18.62 12.28 -27.75
N LEU B 373 -19.89 12.19 -28.13
CA LEU B 373 -20.47 13.27 -28.94
C LEU B 373 -20.50 14.60 -28.19
N SER B 374 -20.73 14.54 -26.88
CA SER B 374 -20.69 15.77 -26.05
C SER B 374 -19.32 16.41 -26.04
N TYR B 375 -18.27 15.59 -25.92
CA TYR B 375 -16.91 16.13 -25.96
C TYR B 375 -16.54 16.68 -27.32
N ILE B 376 -17.11 16.10 -28.38
CA ILE B 376 -16.90 16.63 -29.71
C ILE B 376 -17.47 18.06 -29.79
N GLU B 377 -18.67 18.26 -29.23
CA GLU B 377 -19.24 19.62 -29.18
C GLU B 377 -18.36 20.58 -28.38
N ILE B 378 -17.86 20.15 -27.22
CA ILE B 378 -16.93 20.96 -26.43
C ILE B 378 -15.67 21.30 -27.24
N GLY B 379 -15.09 20.27 -27.90
CA GLY B 379 -13.91 20.44 -28.73
C GLY B 379 -14.06 21.48 -29.83
N LYS B 380 -15.25 21.54 -30.44
CA LYS B 380 -15.53 22.52 -31.48
C LYS B 380 -15.37 23.97 -31.00
N ASN B 381 -15.55 24.19 -29.70
CA ASN B 381 -15.39 25.51 -29.09
C ASN B 381 -13.97 25.77 -28.56
N GLU B 382 -13.12 24.74 -28.58
CA GLU B 382 -11.77 24.83 -28.00
C GLU B 382 -10.66 24.71 -29.03
N GLY B 383 -10.83 23.81 -30.00
CA GLY B 383 -9.83 23.61 -31.05
C GLY B 383 -10.45 23.65 -32.42
N GLN B 384 -9.68 23.23 -33.43
CA GLN B 384 -10.14 23.20 -34.82
C GLN B 384 -10.45 21.76 -35.23
N LEU B 385 -11.71 21.47 -35.56
CA LEU B 385 -12.04 20.13 -36.06
C LEU B 385 -11.52 19.97 -37.47
N VAL B 386 -10.67 18.97 -37.69
CA VAL B 386 -10.08 18.73 -39.01
C VAL B 386 -10.37 17.36 -39.62
N LEU B 387 -10.91 16.47 -38.80
CA LEU B 387 -11.32 15.16 -39.28
C LEU B 387 -12.41 14.57 -38.42
N GLY B 388 -13.38 13.94 -39.07
CA GLY B 388 -14.44 13.21 -38.37
C GLY B 388 -15.36 14.10 -37.55
N GLY B 389 -15.54 13.73 -36.28
CA GLY B 389 -16.41 14.47 -35.37
C GLY B 389 -17.90 14.19 -35.56
N LYS B 390 -18.22 13.06 -36.18
CA LYS B 390 -19.60 12.72 -36.55
C LYS B 390 -19.97 11.30 -36.16
N ARG B 391 -21.23 11.13 -35.77
CA ARG B 391 -21.89 9.83 -35.69
C ARG B 391 -22.06 9.35 -37.12
N LEU B 392 -21.79 8.06 -37.34
CA LEU B 392 -21.96 7.45 -38.66
C LEU B 392 -23.28 6.70 -38.73
N GLU B 393 -23.72 6.37 -39.94
CA GLU B 393 -25.04 5.79 -40.13
C GLU B 393 -25.18 4.36 -39.59
N GLY B 394 -26.32 4.10 -38.93
CA GLY B 394 -26.65 2.76 -38.45
C GLY B 394 -27.06 2.80 -37.00
N GLU B 395 -27.76 1.76 -36.56
CA GLU B 395 -28.21 1.63 -35.18
C GLU B 395 -27.01 1.53 -34.23
N GLY B 396 -26.00 0.79 -34.67
CA GLY B 396 -24.73 0.67 -33.93
C GLY B 396 -24.10 2.01 -33.60
N TYR B 397 -23.37 2.06 -32.48
CA TYR B 397 -22.80 3.32 -31.99
C TYR B 397 -21.50 3.72 -32.69
N PHE B 398 -21.59 3.89 -34.01
CA PHE B 398 -20.42 4.16 -34.84
C PHE B 398 -20.05 5.65 -34.85
N ILE B 399 -18.83 5.93 -34.40
CA ILE B 399 -18.30 7.29 -34.43
C ILE B 399 -17.01 7.34 -35.23
N ALA B 400 -16.87 8.36 -36.07
CA ALA B 400 -15.73 8.50 -36.98
C ALA B 400 -14.49 8.90 -36.18
N PRO B 401 -13.32 8.39 -36.61
CA PRO B 401 -12.04 8.85 -36.06
C PRO B 401 -11.96 10.37 -36.15
N THR B 402 -11.66 11.01 -35.02
CA THR B 402 -11.77 12.46 -34.90
C THR B 402 -10.43 13.10 -34.51
N VAL B 403 -10.11 14.21 -35.17
CA VAL B 403 -8.90 14.98 -34.87
C VAL B 403 -9.25 16.45 -34.68
N PHE B 404 -8.86 17.01 -33.53
CA PHE B 404 -8.86 18.46 -33.30
C PHE B 404 -7.43 18.96 -33.29
N THR B 405 -7.19 20.10 -33.93
CA THR B 405 -5.87 20.72 -33.96
C THR B 405 -5.89 22.08 -33.28
N GLU B 406 -4.70 22.63 -33.08
CA GLU B 406 -4.49 23.93 -32.41
C GLU B 406 -5.26 23.96 -31.08
N VAL B 407 -5.20 22.84 -30.37
CA VAL B 407 -5.88 22.69 -29.09
C VAL B 407 -5.01 23.30 -27.99
N PRO B 408 -5.57 24.22 -27.19
CA PRO B 408 -4.81 24.77 -26.07
C PRO B 408 -4.56 23.67 -25.03
N PRO B 409 -3.34 23.63 -24.46
CA PRO B 409 -3.00 22.59 -23.48
C PRO B 409 -3.96 22.47 -22.28
N LYS B 410 -4.61 23.57 -21.90
CA LYS B 410 -5.52 23.55 -20.77
C LYS B 410 -7.00 23.46 -21.15
N ALA B 411 -7.27 23.24 -22.44
CA ALA B 411 -8.63 22.98 -22.90
C ALA B 411 -9.20 21.70 -22.27
N ARG B 412 -10.52 21.66 -22.11
CA ARG B 412 -11.18 20.48 -21.56
C ARG B 412 -10.83 19.23 -22.35
N ILE B 413 -10.82 19.33 -23.68
CA ILE B 413 -10.49 18.16 -24.50
C ILE B 413 -9.01 17.79 -24.42
N ALA B 414 -8.18 18.66 -23.84
CA ALA B 414 -6.76 18.39 -23.64
C ALA B 414 -6.46 17.93 -22.21
N GLN B 415 -7.50 17.89 -21.37
CA GLN B 415 -7.34 17.58 -19.94
C GLN B 415 -8.17 16.40 -19.45
N GLU B 416 -9.36 16.23 -20.03
CA GLU B 416 -10.35 15.28 -19.52
C GLU B 416 -10.39 14.04 -20.39
N GLU B 417 -10.58 12.90 -19.75
CA GLU B 417 -10.59 11.62 -20.47
C GLU B 417 -11.90 11.44 -21.22
N ILE B 418 -11.81 11.48 -22.54
CA ILE B 418 -12.96 11.34 -23.44
C ILE B 418 -13.32 9.87 -23.66
N PHE B 419 -12.31 9.01 -23.74
CA PHE B 419 -12.51 7.56 -23.86
C PHE B 419 -13.29 7.20 -25.14
N GLY B 420 -12.92 7.88 -26.22
CA GLY B 420 -13.51 7.67 -27.54
C GLY B 420 -12.47 8.00 -28.59
N PRO B 421 -12.83 7.85 -29.88
CA PRO B 421 -11.84 8.03 -30.94
C PRO B 421 -11.60 9.50 -31.28
N VAL B 422 -11.05 10.23 -30.31
CA VAL B 422 -10.87 11.68 -30.43
C VAL B 422 -9.47 12.07 -30.01
N LEU B 423 -8.69 12.52 -30.99
CA LEU B 423 -7.29 12.89 -30.77
C LEU B 423 -7.17 14.41 -30.77
N SER B 424 -6.52 14.95 -29.75
CA SER B 424 -6.22 16.39 -29.63
C SER B 424 -4.76 16.67 -29.97
N VAL B 425 -4.53 17.53 -30.96
CA VAL B 425 -3.18 17.85 -31.43
C VAL B 425 -2.75 19.21 -30.91
N ILE B 426 -1.57 19.23 -30.28
CA ILE B 426 -1.08 20.42 -29.57
C ILE B 426 0.29 20.76 -30.14
N ARG B 427 0.44 22.00 -30.60
CA ARG B 427 1.70 22.46 -31.17
C ARG B 427 2.57 23.11 -30.10
N VAL B 428 3.82 22.67 -30.00
CA VAL B 428 4.76 23.27 -29.03
C VAL B 428 6.06 23.72 -29.70
N LYS B 429 6.81 24.55 -28.99
CA LYS B 429 8.03 25.17 -29.52
C LYS B 429 9.15 24.15 -29.68
N ASP B 430 9.38 23.36 -28.64
CA ASP B 430 10.53 22.49 -28.61
C ASP B 430 10.28 21.35 -27.63
N PHE B 431 11.29 20.51 -27.42
CA PHE B 431 11.09 19.30 -26.63
C PHE B 431 10.84 19.61 -25.15
N ALA B 432 11.52 20.63 -24.61
CA ALA B 432 11.26 21.08 -23.24
C ALA B 432 9.79 21.40 -23.06
N GLU B 433 9.22 22.18 -23.99
CA GLU B 433 7.82 22.56 -23.90
C GLU B 433 6.91 21.33 -24.08
N ALA B 434 7.32 20.43 -24.96
CA ALA B 434 6.60 19.17 -25.16
C ALA B 434 6.45 18.39 -23.85
N LEU B 435 7.54 18.29 -23.07
CA LEU B 435 7.48 17.60 -21.77
C LEU B 435 6.61 18.35 -20.76
N GLU B 436 6.72 19.67 -20.76
CA GLU B 436 5.90 20.48 -19.84
C GLU B 436 4.42 20.24 -20.12
N VAL B 437 4.06 20.28 -21.40
CA VAL B 437 2.68 20.05 -21.82
C VAL B 437 2.26 18.60 -21.52
N ALA B 438 3.16 17.64 -21.79
CA ALA B 438 2.87 16.23 -21.48
C ALA B 438 2.55 16.02 -19.99
N ASN B 439 3.31 16.67 -19.12
CA ASN B 439 3.19 16.47 -17.67
C ASN B 439 2.01 17.21 -17.04
N ASP B 440 1.54 18.24 -17.74
CA ASP B 440 0.54 19.13 -17.16
C ASP B 440 -0.89 18.67 -17.40
N THR B 441 -1.21 17.52 -16.82
CA THR B 441 -2.58 17.02 -16.67
C THR B 441 -2.65 16.40 -15.27
N PRO B 442 -3.86 16.10 -14.78
CA PRO B 442 -3.93 15.43 -13.46
C PRO B 442 -3.52 13.94 -13.48
N TYR B 443 -3.25 13.42 -14.67
CA TYR B 443 -3.04 12.00 -14.88
C TYR B 443 -1.56 11.66 -15.08
N GLY B 444 -1.26 10.37 -15.20
CA GLY B 444 0.11 9.92 -15.42
C GLY B 444 0.19 8.45 -15.74
N LEU B 445 -0.59 8.01 -16.72
CA LEU B 445 -0.68 6.57 -17.02
C LEU B 445 0.30 6.15 -18.11
N THR B 446 0.00 6.43 -19.37
CA THR B 446 0.92 6.09 -20.45
C THR B 446 1.41 7.31 -21.22
N GLY B 447 2.52 7.15 -21.92
CA GLY B 447 3.03 8.22 -22.74
C GLY B 447 3.98 7.63 -23.76
N GLY B 448 4.23 8.38 -24.82
CA GLY B 448 5.21 7.95 -25.81
C GLY B 448 6.02 9.09 -26.36
N VAL B 449 7.19 8.76 -26.91
CA VAL B 449 8.04 9.72 -27.62
C VAL B 449 8.55 9.08 -28.89
N TYR B 450 8.31 9.74 -30.02
CA TYR B 450 8.99 9.41 -31.27
C TYR B 450 10.07 10.44 -31.49
N SER B 451 11.31 9.94 -31.58
CA SER B 451 12.52 10.77 -31.71
C SER B 451 13.69 9.86 -31.99
N ARG B 452 14.64 10.35 -32.78
CA ARG B 452 15.92 9.67 -32.93
C ARG B 452 16.98 10.25 -32.01
N LYS B 453 16.68 11.36 -31.34
CA LYS B 453 17.70 12.04 -30.55
C LYS B 453 17.81 11.37 -29.18
N ARG B 454 18.98 10.76 -28.93
CA ARG B 454 19.18 9.99 -27.68
C ARG B 454 18.93 10.82 -26.43
N GLU B 455 19.40 12.07 -26.45
CA GLU B 455 19.26 12.96 -25.31
C GLU B 455 17.80 13.28 -24.99
N HIS B 456 16.95 13.35 -26.01
CA HIS B 456 15.54 13.60 -25.82
C HIS B 456 14.88 12.36 -25.22
N LEU B 457 15.22 11.17 -25.74
CA LEU B 457 14.67 9.94 -25.20
C LEU B 457 15.07 9.75 -23.75
N GLU B 458 16.35 9.94 -23.44
CA GLU B 458 16.82 9.72 -22.06
C GLU B 458 16.28 10.79 -21.10
N TRP B 459 16.11 12.02 -21.60
CA TRP B 459 15.47 13.10 -20.86
C TRP B 459 14.03 12.69 -20.50
N ALA B 460 13.30 12.19 -21.48
CA ALA B 460 11.94 11.70 -21.26
C ALA B 460 11.89 10.53 -20.25
N ARG B 461 12.88 9.64 -20.34
CA ARG B 461 12.97 8.51 -19.41
C ARG B 461 12.97 9.02 -17.99
N ARG B 462 13.66 10.15 -17.77
CA ARG B 462 13.80 10.74 -16.44
C ARG B 462 12.61 11.65 -16.06
N GLU B 463 11.99 12.31 -17.03
CA GLU B 463 11.10 13.44 -16.74
C GLU B 463 9.67 13.42 -17.30
N PHE B 464 9.39 12.52 -18.23
CA PHE B 464 8.03 12.34 -18.73
C PHE B 464 7.33 11.46 -17.68
N HIS B 465 6.54 12.08 -16.83
CA HIS B 465 6.08 11.47 -15.57
C HIS B 465 4.80 10.66 -15.77
N VAL B 466 4.99 9.49 -16.37
CA VAL B 466 3.93 8.50 -16.58
C VAL B 466 4.46 7.12 -16.17
N GLY B 467 3.55 6.23 -15.74
CA GLY B 467 3.94 4.91 -15.26
C GLY B 467 4.45 3.96 -16.33
N ASN B 468 3.98 4.17 -17.56
CA ASN B 468 4.32 3.33 -18.71
C ASN B 468 4.65 4.20 -19.89
N LEU B 469 5.93 4.23 -20.22
CA LEU B 469 6.47 5.12 -21.23
C LEU B 469 7.07 4.29 -22.36
N TYR B 470 6.83 4.71 -23.61
CA TYR B 470 7.26 3.94 -24.78
C TYR B 470 7.95 4.83 -25.79
N PHE B 471 9.08 4.37 -26.32
CA PHE B 471 9.87 5.13 -27.30
C PHE B 471 9.81 4.45 -28.66
N ASN B 472 9.40 5.23 -29.66
CA ASN B 472 9.35 4.80 -31.06
C ASN B 472 8.48 3.57 -31.31
N ARG B 473 7.35 3.53 -30.60
CA ARG B 473 6.35 2.49 -30.77
C ARG B 473 5.02 2.93 -30.13
N LYS B 474 3.97 2.16 -30.41
CA LYS B 474 2.65 2.41 -29.82
C LYS B 474 2.67 2.46 -28.26
N ILE B 475 1.72 3.20 -27.67
CA ILE B 475 1.70 3.35 -26.22
C ILE B 475 0.64 2.50 -25.54
N THR B 476 -0.08 1.72 -26.34
CA THR B 476 -1.09 0.80 -25.84
C THR B 476 -0.53 -0.63 -25.85
N GLY B 477 -1.29 -1.55 -25.27
CA GLY B 477 -0.98 -2.97 -25.37
C GLY B 477 0.16 -3.45 -24.50
N ALA B 478 0.28 -2.89 -23.30
CA ALA B 478 1.32 -3.33 -22.35
C ALA B 478 1.21 -4.84 -22.18
N LEU B 479 2.33 -5.54 -22.31
CA LEU B 479 2.33 -6.99 -22.15
C LEU B 479 2.64 -7.40 -20.72
N VAL B 480 1.83 -8.32 -20.21
CA VAL B 480 2.05 -8.91 -18.90
C VAL B 480 3.50 -9.40 -18.77
N GLY B 481 4.12 -9.05 -17.65
CA GLY B 481 5.49 -9.50 -17.38
C GLY B 481 6.54 -8.58 -17.99
N VAL B 482 6.29 -8.11 -19.21
CA VAL B 482 7.25 -7.29 -19.96
C VAL B 482 7.22 -5.84 -19.49
N GLN B 483 6.00 -5.29 -19.42
CA GLN B 483 5.77 -3.90 -19.03
C GLN B 483 4.80 -3.82 -17.86
N PRO B 484 5.32 -3.86 -16.62
CA PRO B 484 4.47 -3.67 -15.44
C PRO B 484 3.54 -2.48 -15.67
N PHE B 485 2.23 -2.67 -15.48
CA PHE B 485 1.26 -1.67 -15.93
C PHE B 485 0.56 -0.95 -14.78
N GLY B 486 0.67 0.38 -14.79
CA GLY B 486 0.05 1.19 -13.76
C GLY B 486 0.67 2.56 -13.75
N GLY B 487 -0.10 3.54 -13.27
CA GLY B 487 0.27 4.93 -13.41
C GLY B 487 0.61 5.68 -12.14
N PHE B 488 0.78 6.98 -12.35
CA PHE B 488 1.07 7.95 -11.32
C PHE B 488 -0.10 8.92 -11.19
N LYS B 489 -0.06 9.72 -10.14
CA LYS B 489 -1.01 10.83 -9.99
C LYS B 489 -2.46 10.33 -9.99
N LEU B 490 -3.37 11.02 -10.69
CA LEU B 490 -4.77 10.58 -10.65
C LEU B 490 -5.10 9.44 -11.62
N SER B 491 -4.06 8.83 -12.16
CA SER B 491 -4.19 7.54 -12.87
C SER B 491 -4.25 6.33 -11.91
N GLY B 492 -4.09 6.59 -10.61
CA GLY B 492 -4.38 5.56 -9.61
C GLY B 492 -3.27 5.36 -8.59
N THR B 493 -3.28 4.17 -7.99
CA THR B 493 -2.40 3.85 -6.86
C THR B 493 -1.08 3.17 -7.24
N ASN B 494 -0.78 3.08 -8.54
CA ASN B 494 0.45 2.43 -9.03
C ASN B 494 0.55 0.96 -8.67
N ALA B 495 -0.61 0.28 -8.64
CA ALA B 495 -0.61 -1.18 -8.51
C ALA B 495 -0.19 -1.75 -9.85
N LYS B 496 1.05 -2.21 -9.93
CA LYS B 496 1.62 -2.61 -11.22
C LYS B 496 1.18 -4.01 -11.60
N THR B 497 0.22 -4.08 -12.52
CA THR B 497 -0.28 -5.39 -12.96
C THR B 497 0.77 -6.10 -13.80
N GLY B 498 0.73 -7.44 -13.78
CA GLY B 498 1.68 -8.24 -14.56
C GLY B 498 3.12 -8.05 -14.10
N ALA B 499 3.29 -7.85 -12.80
CA ALA B 499 4.59 -7.64 -12.18
C ALA B 499 4.64 -8.42 -10.87
N LEU B 500 5.83 -8.81 -10.44
CA LEU B 500 6.00 -9.53 -9.19
C LEU B 500 5.38 -8.75 -8.01
N ASP B 501 5.54 -7.42 -8.05
CA ASP B 501 5.08 -6.54 -6.98
C ASP B 501 3.57 -6.56 -6.76
N TYR B 502 2.82 -6.91 -7.81
CA TYR B 502 1.37 -6.91 -7.70
C TYR B 502 0.87 -7.78 -6.55
N LEU B 503 1.44 -8.97 -6.41
CA LEU B 503 0.90 -9.93 -5.44
C LEU B 503 1.16 -9.51 -4.00
N ARG B 504 2.21 -8.73 -3.78
CA ARG B 504 2.54 -8.24 -2.46
C ARG B 504 1.41 -7.39 -1.86
N LEU B 505 0.66 -6.74 -2.74
CA LEU B 505 -0.45 -5.86 -2.34
C LEU B 505 -1.54 -6.63 -1.60
N PHE B 506 -1.58 -7.95 -1.83
CA PHE B 506 -2.64 -8.80 -1.31
C PHE B 506 -2.15 -9.75 -0.22
N LEU B 507 -1.04 -9.36 0.39
CA LEU B 507 -0.40 -10.13 1.47
C LEU B 507 -0.08 -9.22 2.64
N GLU B 508 -0.08 -9.80 3.84
CA GLU B 508 0.52 -9.14 5.01
C GLU B 508 1.59 -10.05 5.60
N MET B 509 2.44 -9.50 6.46
CA MET B 509 3.60 -10.26 6.94
C MET B 509 3.51 -10.53 8.44
N LYS B 510 3.86 -11.75 8.83
CA LYS B 510 3.95 -12.15 10.25
C LYS B 510 5.42 -12.47 10.52
N ALA B 511 5.90 -12.09 11.71
CA ALA B 511 7.24 -12.45 12.20
C ALA B 511 7.12 -13.25 13.48
N VAL B 512 7.68 -14.46 13.49
CA VAL B 512 7.56 -15.38 14.62
C VAL B 512 8.95 -15.81 15.11
N ALA B 513 9.24 -15.53 16.38
CA ALA B 513 10.54 -15.85 16.97
C ALA B 513 10.35 -16.96 18.00
N GLU B 514 11.25 -17.94 17.99
CA GLU B 514 11.30 -18.91 19.09
C GLU B 514 12.66 -18.85 19.75
N ARG B 515 12.69 -18.58 21.05
CA ARG B 515 13.92 -18.63 21.83
C ARG B 515 14.06 -20.05 22.39
N PHE B 516 15.09 -20.78 21.96
CA PHE B 516 15.22 -22.17 22.39
C PHE B 516 15.76 -22.33 23.81
C ACT C . -6.23 14.53 11.13
O ACT C . -6.78 14.63 12.25
OXT ACT C . -4.97 14.46 11.10
CH3 ACT C . -7.04 14.47 9.89
C ACT D . -1.74 -15.85 11.27
O ACT D . -2.82 -15.49 10.75
OXT ACT D . -1.57 -15.53 12.46
CH3 ACT D . -0.72 -16.65 10.50
NA NA E . 8.76 15.73 28.45
PA NAP F . -1.03 10.04 19.71
O1A NAP F . -1.80 10.74 20.74
O2A NAP F . -1.87 9.36 18.71
O5B NAP F . 0.01 11.04 19.05
C5B NAP F . 0.91 10.58 18.08
C4B NAP F . 1.32 11.78 17.24
O4B NAP F . 0.22 12.26 16.49
C3B NAP F . 1.81 12.97 18.07
O3B NAP F . 2.84 13.59 17.34
C2B NAP F . 0.58 13.85 18.13
O2B NAP F . 0.86 15.22 18.33
C1B NAP F . 0.03 13.66 16.73
N9A NAP F . -1.40 13.95 16.65
C8A NAP F . -2.36 13.99 17.63
N7A NAP F . -3.56 14.26 17.05
C5A NAP F . -3.36 14.39 15.71
C6A NAP F . -4.21 14.65 14.63
N6A NAP F . -5.53 14.78 14.78
N1A NAP F . -3.68 14.69 13.37
C2A NAP F . -2.33 14.50 13.15
N3A NAP F . -1.48 14.24 14.21
C4A NAP F . -2.01 14.18 15.45
O3 NAP F . -0.07 8.86 20.28
PN NAP F . 1.04 9.01 21.44
O1N NAP F . 2.10 9.94 21.04
O2N NAP F . 0.32 9.17 22.73
O5D NAP F . 1.72 7.56 21.41
C5D NAP F . 1.15 6.46 22.07
C4D NAP F . 0.34 5.61 21.10
O4D NAP F . 1.16 5.27 19.99
C3D NAP F . -0.10 4.29 21.72
O3D NAP F . -1.43 3.99 21.33
C2D NAP F . 0.88 3.30 21.14
O2D NAP F . 0.38 1.98 21.05
C1D NAP F . 1.11 3.87 19.76
N1N NAP F . 2.37 3.38 19.19
C2N NAP F . 2.31 2.47 18.18
C3N NAP F . 3.49 1.97 17.64
C7N NAP F . 3.49 0.93 16.56
O7N NAP F . 4.70 0.58 15.99
N7N NAP F . 2.35 0.36 16.17
C4N NAP F . 4.73 2.42 18.14
C5N NAP F . 4.77 3.36 19.17
C6N NAP F . 3.57 3.83 19.70
P2B NAP F . 0.78 15.76 19.84
O1X NAP F . 1.91 15.15 20.61
O2X NAP F . 0.91 17.26 19.62
O3X NAP F . -0.57 15.38 20.39
C1 MPD G . -10.21 15.80 -9.71
C2 MPD G . -9.82 16.78 -10.81
O2 MPD G . -11.07 17.31 -11.35
CM MPD G . -9.11 16.04 -11.94
C3 MPD G . -9.01 17.98 -10.28
C4 MPD G . -7.70 17.67 -9.57
O4 MPD G . -7.88 17.73 -8.16
C5 MPD G . -6.64 18.69 -9.95
C1 MPD H . 14.41 -5.79 -1.37
C2 MPD H . 14.23 -6.53 -2.69
O2 MPD H . 15.48 -7.21 -2.97
CM MPD H . 13.11 -7.55 -2.54
C3 MPD H . 13.97 -5.50 -3.80
C4 MPD H . 13.41 -6.04 -5.11
O4 MPD H . 13.08 -4.93 -5.93
C5 MPD H . 14.40 -6.92 -5.88
C1 MPD I . 10.66 -4.05 34.52
C2 MPD I . 12.08 -4.56 34.31
O2 MPD I . 12.30 -4.70 32.88
CM MPD I . 13.07 -3.54 34.86
C3 MPD I . 12.23 -5.93 34.98
C4 MPD I . 13.69 -6.30 35.30
O4 MPD I . 13.82 -6.51 36.69
C5 MPD I . 14.11 -7.55 34.55
C ACT J . -18.66 3.85 -3.55
O ACT J . -18.29 2.76 -4.07
OXT ACT J . -19.35 4.61 -4.25
CH3 ACT J . -18.27 4.23 -2.15
C ACT K . 9.71 9.99 -13.67
O ACT K . 8.99 10.00 -14.68
OXT ACT K . 9.32 10.72 -12.74
CH3 ACT K . 10.97 9.20 -13.58
NA NA L . -22.80 -5.12 -24.43
PA NAP M . -16.68 3.03 -14.33
O1A NAP M . -17.85 3.77 -14.85
O2A NAP M . -15.90 3.76 -13.31
O5B NAP M . -17.11 1.56 -13.86
C5B NAP M . -16.13 0.62 -13.46
C4B NAP M . -16.80 -0.39 -12.53
O4B NAP M . -17.19 0.26 -11.34
C3B NAP M . -18.07 -1.01 -13.11
O3B NAP M . -18.16 -2.36 -12.69
C2B NAP M . -19.18 -0.17 -12.46
O2B NAP M . -20.42 -0.83 -12.38
C1B NAP M . -18.58 0.03 -11.09
N9A NAP M . -19.09 1.18 -10.39
C8A NAP M . -19.68 2.31 -10.90
N7A NAP M . -19.99 3.13 -9.88
C5A NAP M . -19.60 2.55 -8.71
C6A NAP M . -19.62 2.95 -7.37
N6A NAP M . -20.05 4.16 -6.98
N1A NAP M . -19.11 2.08 -6.42
C2A NAP M . -18.56 0.86 -6.77
N3A NAP M . -18.51 0.47 -8.08
C4A NAP M . -19.01 1.31 -9.03
O3 NAP M . -15.63 2.68 -15.50
PN NAP M . -15.92 1.93 -16.90
O1N NAP M . -16.34 0.52 -16.68
O2N NAP M . -16.74 2.87 -17.71
O5D NAP M . -14.43 1.88 -17.53
C5D NAP M . -13.90 3.01 -18.19
C4D NAP M . -12.88 3.68 -17.29
O4D NAP M . -12.01 2.71 -16.76
C3D NAP M . -12.00 4.69 -18.01
O3D NAP M . -11.86 5.83 -17.20
C2D NAP M . -10.68 3.96 -18.11
O2D NAP M . -9.53 4.80 -18.24
C1D NAP M . -10.68 3.14 -16.86
N1N NAP M . -9.74 2.03 -16.99
C2N NAP M . -8.56 2.12 -16.31
C3N NAP M . -7.62 1.10 -16.45
C7N NAP M . -6.31 1.18 -15.73
O7N NAP M . -5.53 0.03 -15.72
N7N NAP M . -5.93 2.32 -15.17
C4N NAP M . -7.91 0.00 -17.27
C5N NAP M . -9.12 -0.08 -17.95
C6N NAP M . -10.03 0.96 -17.80
P2B NAP M . -21.50 -0.50 -13.53
O1X NAP M . -21.04 -1.16 -14.79
O2X NAP M . -22.76 -1.12 -12.99
O3X NAP M . -21.64 1.00 -13.67
C1 MPD N . 9.55 -12.19 -1.07
C2 MPD N . 10.31 -11.46 -2.18
O2 MPD N . 10.19 -10.04 -1.94
CM MPD N . 11.79 -11.82 -2.13
C3 MPD N . 9.72 -11.87 -3.53
C4 MPD N . 9.54 -10.74 -4.54
O4 MPD N . 10.78 -10.10 -4.80
C5 MPD N . 8.97 -11.27 -5.85
C1 MPD O . 6.79 -15.16 -14.66
C2 MPD O . 7.71 -15.08 -13.45
O2 MPD O . 8.36 -16.36 -13.28
CM MPD O . 6.87 -14.78 -12.22
C3 MPD O . 8.71 -13.92 -13.55
C4 MPD O . 9.98 -14.13 -14.35
O4 MPD O . 10.69 -12.93 -14.25
C5 MPD O . 9.68 -14.43 -15.82
C1 MPD P . -12.77 1.30 16.91
C2 MPD P . -13.27 0.31 17.95
O2 MPD P . -13.84 1.10 19.03
CM MPD P . -12.10 -0.47 18.54
C3 MPD P . -14.40 -0.58 17.42
C4 MPD P . -14.05 -1.51 16.25
O4 MPD P . -14.56 -0.98 15.04
C5 MPD P . -14.68 -2.87 16.48
C1 MPD Q . -26.25 -6.75 -40.60
C2 MPD Q . -25.23 -7.15 -39.55
O2 MPD Q . -24.47 -5.97 -39.19
CM MPD Q . -25.93 -7.68 -38.31
C3 MPD Q . -24.31 -8.26 -40.08
C4 MPD Q . -23.01 -7.80 -40.73
O4 MPD Q . -22.17 -7.16 -39.79
C5 MPD Q . -22.28 -9.00 -41.34
#